data_8JXT
#
_entry.id   8JXT
#
loop_
_entity.id
_entity.type
_entity.pdbx_description
1 polymer 'Guanine nucleotide-binding protein G(i) subunit alpha-1'
2 polymer 'Guanine nucleotide-binding protein G(I)/G(S)/G(T) subunit beta-1'
3 polymer 'Guanine nucleotide-binding protein G(I)/G(S)/G(O) subunit gamma-2'
4 polymer scFv16
5 polymer 'Histamine H4 receptor'
6 non-polymer HISTAMINE
7 non-polymer 'PHOSPHATE ION'
#
loop_
_entity_poly.entity_id
_entity_poly.type
_entity_poly.pdbx_seq_one_letter_code
_entity_poly.pdbx_strand_id
1 'polypeptide(L)'
;MGCTLSAEDKAAVERSKMIDRNLREDGEKAAREVKLLLLGAGESGKSTIVKQMKIIHEAGYSEEECKQYKAVVYSNTIQS
IIAIIRAMGRLKIDFGDSARADDARQLFVLAGAAEEGFMTAELAGVIKRLWKDSGVQACFNRSREYQLNDSAAYYLNDLD
RIAQPNYIPTQQDVLRTRVKTTGIVETHFTFKDLHFKMFDVGAQRSERKKWIHCFEGVTAIIFCVALSDYDLVLAEDEEM
NRMHESMKLFDSICNNKWFTDTSIILFLNKKDLFEEKIKKSPLTICYPEYAGSNTYEEAAAYIQCQFEDLNKRKDTKEIY
THFTCSTDTKNVQFVFDAVTDVIIKNNLKDCGLF
;
B
2 'polypeptide(L)'
;MGSLLQSELDQLRQEAEQLKNQIRDARKACADATLSQITNNIDPVGRIQMRTRRTLRGHLAKIYAMHWGTDSRLLVSASQ
DGKLIIWDSYTTNKVHAIPLRSSWVMTCAYAPSGNYVACGGLDNICSIYNLKTREGNVRVSRELAGHTGYLSCCRFLDDN
QIVTSSGDTTCALWDIETGQQTTTFTGHTGDVMSLSLAPDTRLFVSGACDASAKLWDVREGMCRQTFTGHESDINAICFF
PNGNAFATGSDDATCRLFDLRADQELMTYSHDNIICGITSVSFSKSGRLLLAGYDDFNCNVWDALKADRAGVLAGHDNRV
SCLGVTDDGMAVATGSWDSFLKIWN
;
C
3 'polypeptide(L)' MASNNTASIAQARKLVEQLKMEANIDRIKVSKAAADLMAYCEAHAKEDPLLTPVPASENPFREKKFFCAIL D
4 'polypeptide(L)'
;VQLVESGGGLVQPGGSRKLSCSASGFAFSSFGMHWVRQAPEKGLEWVAYISSGSGTIYYADTVKGRFTISRDDPKNTLFL
QMTSLRSEDTAMYYCVRSIYYYGSSPFDFWGQGTTLTVSAGGGGSGGGGSGGGGSADIVMTQATSSVPVTPGESVSISCR
SSKSLLHSNGNTYLYWFLQRPGQSPQLLIYRMSNLASGVPDRFSGSGSGTAFTLTISRLEAEDVGVYYCMQHLEYPLTFG
AGTKLEL
;
E
5 'polypeptide(L)'
;MPDTNSTINLSLSTRVTLAFFMSLVAFAIMLGNALVILAFVVDKNLRHRSSYFFLNLAISDFFVGVISIPLYIPHTLFEW
DFGKEICVFWLTTDYLLCTASVYNIVLISYDRYLSVSNAVSYRTQHTGVLKIVTLMVAVWVLAFLVNGPMILVSESWKDE
GSECEPGFFSEWYILAITSFLEFVIPVILVAYFNMNIYWSLWKRDHLSRCQSHPGLTAVSSNICGHSFRGRLSSRRSLSA
STEVPASFHSERQRRKSSLMFSSRTKMNSNTIASKMGSFSQSDSVALHQREHVELLRARRLAKSLAILLGVFAVCWAPYS
LFTIVLSFYSSATGPKSVWYRIAFWLQWFNSFVNPLLYPLCHKRFQKAFLKIFCIKKQPLPSQHSRSVSS
;
R
#
loop_
_chem_comp.id
_chem_comp.type
_chem_comp.name
_chem_comp.formula
HSM non-polymer HISTAMINE 'C5 H9 N3'
PO4 non-polymer 'PHOSPHATE ION' 'O4 P -3'
#
# COMPACT_ATOMS: atom_id res chain seq x y z
N CYS A 3 -0.61 -14.38 26.12
CA CYS A 3 -1.64 -13.65 25.38
C CYS A 3 -3.03 -14.20 25.71
N THR A 4 -4.06 -13.42 25.38
CA THR A 4 -5.45 -13.81 25.60
C THR A 4 -6.12 -14.32 24.34
N LEU A 5 -5.38 -15.04 23.50
CA LEU A 5 -5.88 -15.51 22.22
C LEU A 5 -5.86 -17.03 22.16
N SER A 6 -6.73 -17.58 21.31
CA SER A 6 -6.72 -19.00 21.02
C SER A 6 -5.56 -19.34 20.08
N ALA A 7 -5.40 -20.62 19.81
CA ALA A 7 -4.33 -21.06 18.91
C ALA A 7 -4.58 -20.59 17.49
N GLU A 8 -5.84 -20.61 17.06
CA GLU A 8 -6.18 -20.27 15.69
C GLU A 8 -5.85 -18.81 15.39
N ASP A 9 -6.03 -17.92 16.38
CA ASP A 9 -5.69 -16.52 16.18
C ASP A 9 -4.19 -16.33 16.04
N LYS A 10 -3.40 -17.09 16.80
CA LYS A 10 -1.95 -17.03 16.65
C LYS A 10 -1.52 -17.50 15.26
N ALA A 11 -2.17 -18.55 14.76
CA ALA A 11 -1.88 -18.98 13.39
C ALA A 11 -2.26 -17.88 12.39
N ALA A 12 -3.37 -17.19 12.64
CA ALA A 12 -3.79 -16.12 11.75
C ALA A 12 -2.76 -14.99 11.71
N VAL A 13 -2.23 -14.60 12.87
CA VAL A 13 -1.28 -13.49 12.89
C VAL A 13 0.06 -13.93 12.27
N GLU A 14 0.42 -15.21 12.42
CA GLU A 14 1.59 -15.70 11.70
C GLU A 14 1.39 -15.59 10.19
N ARG A 15 0.22 -15.98 9.71
CA ARG A 15 -0.12 -15.84 8.29
C ARG A 15 0.02 -14.39 7.83
N SER A 16 -0.53 -13.46 8.62
CA SER A 16 -0.45 -12.05 8.26
C SER A 16 0.99 -11.55 8.21
N LYS A 17 1.81 -11.94 9.17
CA LYS A 17 3.21 -11.50 9.17
C LYS A 17 3.94 -12.03 7.94
N MET A 18 3.70 -13.29 7.58
CA MET A 18 4.36 -13.84 6.41
C MET A 18 3.94 -13.10 5.15
N ILE A 19 2.65 -12.79 5.02
CA ILE A 19 2.19 -12.03 3.85
C ILE A 19 2.82 -10.64 3.83
N ASP A 20 2.97 -10.01 5.00
CA ASP A 20 3.61 -8.71 5.07
C ASP A 20 5.05 -8.77 4.57
N ARG A 21 5.80 -9.80 4.98
CA ARG A 21 7.17 -9.93 4.52
C ARG A 21 7.24 -10.09 3.01
N ASN A 22 6.37 -10.93 2.45
CA ASN A 22 6.39 -11.13 1.00
C ASN A 22 6.06 -9.83 0.27
N LEU A 23 5.06 -9.10 0.75
CA LEU A 23 4.69 -7.83 0.12
C LEU A 23 5.84 -6.84 0.16
N ARG A 24 6.51 -6.72 1.31
CA ARG A 24 7.61 -5.78 1.42
C ARG A 24 8.75 -6.13 0.47
N GLU A 25 9.09 -7.42 0.38
CA GLU A 25 10.16 -7.83 -0.52
C GLU A 25 9.81 -7.50 -1.96
N ASP A 26 8.58 -7.83 -2.38
CA ASP A 26 8.19 -7.55 -3.76
C ASP A 26 8.20 -6.05 -4.06
N GLY A 27 7.65 -5.24 -3.15
CA GLY A 27 7.63 -3.81 -3.38
C GLY A 27 9.01 -3.19 -3.44
N GLU A 28 9.93 -3.66 -2.59
CA GLU A 28 11.29 -3.15 -2.65
C GLU A 28 11.99 -3.57 -3.94
N LYS A 29 11.73 -4.78 -4.42
CA LYS A 29 12.31 -5.18 -5.70
C LYS A 29 11.65 -4.44 -6.87
N ALA A 30 10.49 -3.83 -6.64
CA ALA A 30 9.76 -3.15 -7.70
C ALA A 30 10.03 -1.64 -7.75
N ALA A 31 10.94 -1.12 -6.93
CA ALA A 31 11.32 0.29 -6.97
C ALA A 31 12.77 0.48 -7.40
N ARG A 32 13.25 -0.36 -8.32
CA ARG A 32 14.64 -0.40 -8.76
C ARG A 32 14.65 -0.50 -10.29
N GLU A 33 13.84 0.32 -10.94
CA GLU A 33 13.66 0.23 -12.38
C GLU A 33 13.23 1.57 -12.93
N VAL A 34 13.35 1.73 -14.24
CA VAL A 34 13.08 3.00 -14.91
C VAL A 34 11.83 2.85 -15.76
N LYS A 35 10.94 3.84 -15.68
CA LYS A 35 9.68 3.86 -16.42
C LYS A 35 9.69 5.03 -17.39
N LEU A 36 9.54 4.75 -18.68
CA LEU A 36 9.53 5.78 -19.71
C LEU A 36 8.19 5.76 -20.43
N LEU A 37 7.67 6.94 -20.74
CA LEU A 37 6.41 7.06 -21.47
C LEU A 37 6.67 7.56 -22.87
N LEU A 38 6.19 6.82 -23.88
CA LEU A 38 6.40 7.18 -25.28
C LEU A 38 5.27 8.04 -25.80
N LEU A 39 5.60 9.03 -26.63
CA LEU A 39 4.61 9.87 -27.27
C LEU A 39 5.14 10.36 -28.61
N GLY A 40 4.21 10.55 -29.54
CA GLY A 40 4.56 11.04 -30.86
C GLY A 40 3.30 11.36 -31.63
N ALA A 41 3.50 12.05 -32.76
CA ALA A 41 2.38 12.37 -33.63
C ALA A 41 1.99 11.14 -34.46
N GLY A 42 0.87 11.26 -35.17
CA GLY A 42 0.41 10.19 -36.03
C GLY A 42 1.40 9.85 -37.13
N GLU A 43 1.82 8.59 -37.20
CA GLU A 43 2.79 8.12 -38.18
C GLU A 43 4.08 8.94 -38.12
N SER A 44 4.59 9.12 -36.91
CA SER A 44 5.82 9.87 -36.67
C SER A 44 7.07 9.00 -36.79
N GLY A 45 6.92 7.73 -37.14
CA GLY A 45 8.06 6.83 -37.22
C GLY A 45 8.46 6.21 -35.91
N LYS A 46 7.67 6.37 -34.85
CA LYS A 46 8.02 5.80 -33.55
C LYS A 46 8.09 4.27 -33.61
N SER A 47 7.46 3.65 -34.60
CA SER A 47 7.67 2.23 -34.83
C SER A 47 9.14 1.92 -35.04
N THR A 48 9.86 2.81 -35.73
CA THR A 48 11.30 2.64 -35.89
C THR A 48 12.01 2.72 -34.55
N ILE A 49 11.57 3.61 -33.66
CA ILE A 49 12.17 3.69 -32.33
C ILE A 49 11.94 2.40 -31.57
N VAL A 50 10.73 1.85 -31.63
CA VAL A 50 10.45 0.61 -30.91
C VAL A 50 11.23 -0.55 -31.49
N LYS A 51 11.38 -0.60 -32.82
CA LYS A 51 12.11 -1.70 -33.44
C LYS A 51 13.61 -1.62 -33.15
N GLN A 52 14.17 -0.41 -33.19
CA GLN A 52 15.61 -0.26 -33.04
C GLN A 52 16.07 -0.54 -31.61
N MET A 53 15.18 -0.41 -30.64
CA MET A 53 15.54 -0.57 -29.24
C MET A 53 15.18 -1.95 -28.72
N THR A 182 -5.65 -4.69 -27.62
CA THR A 182 -5.41 -3.26 -27.64
C THR A 182 -4.92 -2.76 -26.29
N GLY A 183 -5.22 -1.51 -25.98
CA GLY A 183 -4.82 -0.94 -24.70
C GLY A 183 -3.34 -0.63 -24.64
N ILE A 184 -2.88 -0.41 -23.41
CA ILE A 184 -1.49 -0.03 -23.18
C ILE A 184 -0.58 -1.16 -23.63
N VAL A 185 0.48 -0.82 -24.35
CA VAL A 185 1.46 -1.79 -24.83
C VAL A 185 2.75 -1.59 -24.04
N GLU A 186 3.22 -2.64 -23.40
CA GLU A 186 4.37 -2.56 -22.51
C GLU A 186 5.55 -3.31 -23.13
N THR A 187 6.67 -2.61 -23.31
CA THR A 187 7.89 -3.21 -23.85
C THR A 187 8.96 -3.17 -22.77
N HIS A 188 9.78 -4.22 -22.72
CA HIS A 188 10.80 -4.37 -21.70
C HIS A 188 12.17 -4.45 -22.37
N PHE A 189 13.18 -3.88 -21.72
CA PHE A 189 14.54 -4.22 -22.10
C PHE A 189 15.48 -3.91 -20.95
N THR A 190 16.71 -4.41 -21.08
CA THR A 190 17.72 -4.25 -20.05
C THR A 190 19.00 -3.77 -20.70
N PHE A 191 19.54 -2.65 -20.22
CA PHE A 191 20.73 -2.05 -20.80
C PHE A 191 21.69 -1.66 -19.68
N LYS A 192 22.93 -2.13 -19.78
CA LYS A 192 24.02 -1.84 -18.84
C LYS A 192 23.52 -1.80 -17.40
N ASP A 193 22.90 -2.92 -17.00
CA ASP A 193 22.49 -3.16 -15.62
C ASP A 193 21.36 -2.25 -15.17
N LEU A 194 20.51 -1.83 -16.09
CA LEU A 194 19.27 -1.14 -15.75
C LEU A 194 18.10 -1.78 -16.48
N HIS A 195 16.93 -1.76 -15.84
CA HIS A 195 15.70 -2.34 -16.36
C HIS A 195 14.77 -1.23 -16.81
N PHE A 196 14.52 -1.16 -18.12
CA PHE A 196 13.66 -0.14 -18.71
C PHE A 196 12.32 -0.72 -19.09
N LYS A 197 11.25 -0.07 -18.63
CA LYS A 197 9.89 -0.34 -19.05
C LYS A 197 9.41 0.82 -19.90
N MET A 198 9.16 0.56 -21.18
CA MET A 198 8.58 1.56 -22.07
C MET A 198 7.09 1.31 -22.19
N PHE A 199 6.30 2.36 -22.06
CA PHE A 199 4.86 2.26 -22.22
C PHE A 199 4.41 3.06 -23.44
N ASP A 200 3.74 2.36 -24.37
CA ASP A 200 3.18 2.95 -25.57
C ASP A 200 1.67 3.04 -25.42
N VAL A 201 1.11 4.21 -25.74
CA VAL A 201 -0.26 4.55 -25.43
C VAL A 201 -1.01 4.95 -26.68
N GLY A 202 -0.54 4.51 -27.84
CA GLY A 202 -1.13 4.93 -29.09
C GLY A 202 -2.50 4.34 -29.37
N ALA A 203 -2.82 3.20 -28.77
CA ALA A 203 -4.09 2.53 -29.03
C ALA A 203 -5.28 3.24 -28.40
N GLN A 204 -5.05 4.10 -27.42
CA GLN A 204 -6.14 4.81 -26.76
C GLN A 204 -6.60 5.98 -27.62
N ARG A 205 -7.92 6.21 -27.62
CA ARG A 205 -8.50 7.31 -28.38
C ARG A 205 -9.42 8.21 -27.57
N SER A 206 -9.57 7.97 -26.26
CA SER A 206 -10.46 8.78 -25.45
C SER A 206 -9.78 10.09 -25.05
N GLU A 207 -10.48 10.90 -24.26
CA GLU A 207 -9.91 12.15 -23.79
C GLU A 207 -8.72 11.88 -22.87
N ARG A 208 -7.67 12.68 -23.03
CA ARG A 208 -6.44 12.44 -22.29
C ARG A 208 -6.45 13.04 -20.89
N LYS A 209 -7.47 13.82 -20.53
CA LYS A 209 -7.47 14.48 -19.23
C LYS A 209 -7.77 13.51 -18.09
N LYS A 210 -8.61 12.51 -18.32
CA LYS A 210 -9.05 11.60 -17.27
C LYS A 210 -8.21 10.34 -17.16
N TRP A 211 -7.07 10.31 -17.86
CA TRP A 211 -6.19 9.15 -17.86
C TRP A 211 -4.72 9.52 -17.73
N ILE A 212 -4.35 10.79 -17.93
CA ILE A 212 -2.94 11.18 -17.92
C ILE A 212 -2.37 11.25 -16.50
N HIS A 213 -3.22 11.31 -15.47
CA HIS A 213 -2.72 11.51 -14.12
C HIS A 213 -2.02 10.27 -13.57
N CYS A 214 -2.34 9.09 -14.10
CA CYS A 214 -1.75 7.87 -13.56
C CYS A 214 -0.27 7.71 -13.92
N PHE A 215 0.33 8.70 -14.57
CA PHE A 215 1.73 8.64 -14.99
C PHE A 215 2.59 9.66 -14.26
N GLU A 216 2.23 10.02 -13.03
CA GLU A 216 2.92 11.10 -12.32
C GLU A 216 4.34 10.72 -11.97
N GLY A 217 4.62 9.44 -11.79
CA GLY A 217 5.91 8.99 -11.30
C GLY A 217 6.94 8.62 -12.34
N VAL A 218 6.69 8.91 -13.61
CA VAL A 218 7.61 8.47 -14.66
C VAL A 218 8.93 9.21 -14.57
N THR A 219 10.00 8.55 -14.98
CA THR A 219 11.31 9.20 -15.02
C THR A 219 11.41 10.17 -16.20
N ALA A 220 10.89 9.78 -17.37
CA ALA A 220 11.07 10.59 -18.57
C ALA A 220 9.95 10.37 -19.57
N ILE A 221 9.72 11.41 -20.37
CA ILE A 221 8.82 11.34 -21.51
C ILE A 221 9.66 11.40 -22.77
N ILE A 222 9.51 10.41 -23.65
CA ILE A 222 10.12 10.44 -24.96
C ILE A 222 9.11 11.02 -25.94
N PHE A 223 9.54 12.00 -26.72
CA PHE A 223 8.70 12.65 -27.73
C PHE A 223 9.36 12.46 -29.08
N CYS A 224 8.58 12.09 -30.08
CA CYS A 224 9.10 11.88 -31.43
C CYS A 224 8.37 12.80 -32.42
N VAL A 225 9.13 13.47 -33.29
CA VAL A 225 8.58 14.42 -34.26
C VAL A 225 9.26 14.20 -35.61
N ALA A 226 8.49 14.42 -36.67
CA ALA A 226 8.94 14.22 -38.04
C ALA A 226 9.34 15.54 -38.69
N LEU A 227 10.37 15.49 -39.52
CA LEU A 227 10.91 16.65 -40.21
C LEU A 227 10.41 16.80 -41.64
N SER A 228 10.24 15.70 -42.35
CA SER A 228 9.87 15.74 -43.76
C SER A 228 8.39 15.93 -43.98
N ASP A 229 7.63 16.38 -42.97
CA ASP A 229 6.20 16.59 -43.08
C ASP A 229 5.84 18.06 -42.87
N TYR A 230 6.72 18.98 -43.28
CA TYR A 230 6.45 20.39 -43.09
C TYR A 230 5.43 20.92 -44.10
N ASP A 231 5.36 20.32 -45.29
CA ASP A 231 4.47 20.80 -46.34
C ASP A 231 3.16 20.05 -46.43
N LEU A 232 3.15 18.74 -46.17
CA LEU A 232 1.93 17.97 -46.26
C LEU A 232 0.89 18.49 -45.27
N VAL A 233 -0.34 18.64 -45.74
CA VAL A 233 -1.43 19.21 -44.96
C VAL A 233 -2.47 18.14 -44.73
N LEU A 234 -2.89 17.98 -43.48
CA LEU A 234 -3.88 16.96 -43.11
C LEU A 234 -5.28 17.54 -43.10
N MET A 240 -2.96 23.71 -42.56
CA MET A 240 -2.86 22.77 -41.44
C MET A 240 -1.90 21.64 -41.76
N ASN A 241 -0.61 21.95 -41.74
CA ASN A 241 0.42 20.95 -42.00
C ASN A 241 0.68 20.12 -40.75
N ARG A 242 1.63 19.19 -40.85
CA ARG A 242 1.96 18.35 -39.70
C ARG A 242 2.76 19.12 -38.65
N MET A 243 3.59 20.06 -39.09
CA MET A 243 4.50 20.75 -38.17
C MET A 243 3.74 21.52 -37.11
N HIS A 244 2.69 22.24 -37.50
CA HIS A 244 1.95 23.05 -36.54
C HIS A 244 1.17 22.19 -35.55
N GLU A 245 0.61 21.07 -36.01
CA GLU A 245 -0.07 20.16 -35.09
C GLU A 245 0.91 19.58 -34.09
N SER A 246 2.11 19.21 -34.55
CA SER A 246 3.13 18.71 -33.63
C SER A 246 3.53 19.79 -32.63
N MET A 247 3.68 21.04 -33.09
CA MET A 247 4.02 22.13 -32.19
C MET A 247 2.95 22.31 -31.13
N LYS A 248 1.68 22.27 -31.53
CA LYS A 248 0.59 22.41 -30.56
C LYS A 248 0.60 21.28 -29.55
N LEU A 249 0.83 20.04 -30.00
CA LEU A 249 0.88 18.92 -29.07
C LEU A 249 2.02 19.08 -28.07
N PHE A 250 3.19 19.47 -28.55
CA PHE A 250 4.33 19.68 -27.64
C PHE A 250 4.04 20.79 -26.64
N ASP A 251 3.44 21.89 -27.10
CA ASP A 251 3.15 23.00 -26.20
C ASP A 251 2.09 22.63 -25.19
N SER A 252 1.19 21.72 -25.54
CA SER A 252 0.20 21.26 -24.56
C SER A 252 0.83 20.32 -23.53
N ILE A 253 1.76 19.48 -23.97
CA ILE A 253 2.34 18.49 -23.06
C ILE A 253 3.34 19.12 -22.10
N CYS A 254 4.21 19.98 -22.62
CA CYS A 254 5.37 20.43 -21.84
C CYS A 254 4.98 21.28 -20.64
N ASN A 255 3.88 22.02 -20.72
CA ASN A 255 3.45 22.90 -19.66
C ASN A 255 2.34 22.31 -18.81
N ASN A 256 2.12 21.00 -18.90
CA ASN A 256 1.09 20.35 -18.10
C ASN A 256 1.44 20.42 -16.61
N LYS A 257 0.42 20.41 -15.77
CA LYS A 257 0.63 20.57 -14.34
C LYS A 257 1.28 19.34 -13.70
N TRP A 258 0.96 18.13 -14.19
CA TRP A 258 1.56 16.93 -13.61
C TRP A 258 3.01 16.73 -14.02
N PHE A 259 3.50 17.48 -15.01
CA PHE A 259 4.83 17.23 -15.54
C PHE A 259 5.73 18.47 -15.37
N THR A 260 5.69 19.08 -14.18
CA THR A 260 6.49 20.26 -13.91
C THR A 260 7.89 19.93 -13.41
N ASP A 261 8.22 18.66 -13.25
CA ASP A 261 9.57 18.27 -12.87
C ASP A 261 10.05 17.02 -13.60
N THR A 262 9.49 16.73 -14.77
CA THR A 262 9.78 15.52 -15.52
C THR A 262 10.45 15.88 -16.84
N SER A 263 11.59 15.27 -17.11
CA SER A 263 12.37 15.64 -18.28
C SER A 263 11.81 14.99 -19.55
N ILE A 264 12.17 15.60 -20.68
CA ILE A 264 11.72 15.19 -22.00
C ILE A 264 12.94 14.87 -22.85
N ILE A 265 12.86 13.81 -23.65
CA ILE A 265 13.86 13.47 -24.63
C ILE A 265 13.21 13.61 -26.00
N LEU A 266 13.73 14.51 -26.83
CA LEU A 266 13.12 14.86 -28.10
C LEU A 266 13.91 14.22 -29.25
N PHE A 267 13.20 13.49 -30.10
CA PHE A 267 13.75 12.95 -31.34
C PHE A 267 13.17 13.70 -32.53
N LEU A 268 14.04 14.13 -33.43
CA LEU A 268 13.67 14.59 -34.76
C LEU A 268 14.10 13.51 -35.75
N ASN A 269 13.16 13.05 -36.57
CA ASN A 269 13.45 11.93 -37.46
C ASN A 269 13.05 12.25 -38.89
N LYS A 270 13.30 11.29 -39.78
CA LYS A 270 13.08 11.43 -41.21
C LYS A 270 13.85 12.63 -41.78
N LYS A 271 15.19 12.52 -41.68
CA LYS A 271 16.06 13.61 -42.11
C LYS A 271 16.61 13.43 -43.52
N ASP A 272 16.69 12.20 -44.03
CA ASP A 272 17.15 12.01 -45.40
C ASP A 272 16.20 12.63 -46.40
N LEU A 273 14.91 12.36 -46.26
CA LEU A 273 13.92 13.00 -47.13
C LEU A 273 13.91 14.50 -46.96
N PHE A 274 14.22 14.99 -45.75
CA PHE A 274 14.30 16.43 -45.55
C PHE A 274 15.46 17.04 -46.31
N GLU A 275 16.63 16.42 -46.26
CA GLU A 275 17.77 16.92 -47.01
C GLU A 275 17.52 16.87 -48.51
N GLU A 276 16.87 15.81 -48.98
CA GLU A 276 16.57 15.68 -50.39
C GLU A 276 15.27 16.36 -50.81
N LYS A 277 14.60 17.07 -49.91
CA LYS A 277 13.40 17.82 -50.27
C LYS A 277 13.61 19.33 -50.33
N ILE A 278 14.55 19.88 -49.55
CA ILE A 278 14.81 21.31 -49.62
C ILE A 278 15.61 21.71 -50.85
N LYS A 279 16.16 20.73 -51.58
CA LYS A 279 16.82 21.03 -52.84
C LYS A 279 15.83 21.52 -53.89
N LYS A 280 14.54 21.25 -53.71
CA LYS A 280 13.51 21.71 -54.64
C LYS A 280 12.39 22.50 -53.98
N SER A 281 12.24 22.44 -52.66
CA SER A 281 11.16 23.13 -51.97
C SER A 281 11.75 24.11 -50.98
N PRO A 282 11.26 25.35 -50.91
CA PRO A 282 11.79 26.31 -49.94
C PRO A 282 11.06 26.25 -48.61
N LEU A 283 11.82 26.53 -47.54
CA LEU A 283 11.28 26.49 -46.19
C LEU A 283 10.24 27.58 -45.94
N THR A 284 10.16 28.59 -46.80
CA THR A 284 9.16 29.64 -46.65
C THR A 284 7.74 29.11 -46.89
N ILE A 285 7.60 27.88 -47.40
CA ILE A 285 6.28 27.31 -47.63
C ILE A 285 5.52 27.18 -46.31
N CYS A 286 6.23 27.05 -45.20
CA CYS A 286 5.60 27.01 -43.89
C CYS A 286 6.27 27.91 -42.86
N TYR A 287 7.39 28.55 -43.19
CA TYR A 287 8.09 29.47 -42.30
C TYR A 287 8.39 30.75 -43.06
N PRO A 288 7.40 31.63 -43.21
CA PRO A 288 7.62 32.88 -43.96
C PRO A 288 8.72 33.74 -43.38
N GLU A 289 8.89 33.75 -42.05
CA GLU A 289 9.87 34.61 -41.42
C GLU A 289 11.31 34.15 -41.68
N TYR A 290 11.50 32.92 -42.17
CA TYR A 290 12.84 32.41 -42.39
C TYR A 290 13.52 33.18 -43.51
N ALA A 291 14.76 33.62 -43.26
CA ALA A 291 15.56 34.34 -44.25
C ALA A 291 16.99 33.84 -44.23
N GLY A 292 17.18 32.52 -44.17
CA GLY A 292 18.49 31.92 -44.07
C GLY A 292 18.90 31.19 -45.33
N SER A 293 20.10 30.62 -45.28
CA SER A 293 20.65 29.91 -46.42
C SER A 293 19.87 28.64 -46.70
N ASN A 294 19.87 28.24 -47.98
CA ASN A 294 19.16 27.03 -48.39
C ASN A 294 20.04 25.80 -48.19
N THR A 295 20.56 25.63 -46.98
CA THR A 295 21.40 24.50 -46.64
C THR A 295 20.73 23.67 -45.55
N TYR A 296 21.12 22.40 -45.47
CA TYR A 296 20.51 21.49 -44.51
C TYR A 296 20.79 21.91 -43.07
N GLU A 297 22.03 22.33 -42.79
CA GLU A 297 22.41 22.62 -41.42
C GLU A 297 21.63 23.82 -40.86
N GLU A 298 21.48 24.87 -41.66
CA GLU A 298 20.73 26.04 -41.21
C GLU A 298 19.28 25.67 -40.94
N ALA A 299 18.68 24.86 -41.81
CA ALA A 299 17.31 24.42 -41.61
C ALA A 299 17.17 23.63 -40.32
N ALA A 300 18.10 22.69 -40.09
CA ALA A 300 18.02 21.87 -38.87
C ALA A 300 18.16 22.72 -37.63
N ALA A 301 19.11 23.66 -37.64
CA ALA A 301 19.29 24.53 -36.49
C ALA A 301 18.05 25.38 -36.24
N TYR A 302 17.45 25.92 -37.31
CA TYR A 302 16.26 26.74 -37.14
C TYR A 302 15.11 25.94 -36.55
N ILE A 303 14.89 24.74 -37.07
CA ILE A 303 13.81 23.90 -36.54
C ILE A 303 14.04 23.58 -35.08
N GLN A 304 15.27 23.18 -34.73
CA GLN A 304 15.56 22.79 -33.35
C GLN A 304 15.37 23.96 -32.39
N CYS A 305 15.86 25.14 -32.76
CA CYS A 305 15.70 26.29 -31.88
C CYS A 305 14.23 26.69 -31.75
N GLN A 306 13.48 26.63 -32.86
CA GLN A 306 12.06 26.94 -32.80
C GLN A 306 11.32 26.01 -31.84
N PHE A 307 11.65 24.72 -31.89
CA PHE A 307 11.01 23.78 -30.95
C PHE A 307 11.43 24.06 -29.51
N GLU A 308 12.74 24.19 -29.26
CA GLU A 308 13.18 24.38 -27.88
C GLU A 308 12.71 25.71 -27.29
N ASP A 309 12.36 26.68 -28.12
CA ASP A 309 11.85 27.95 -27.61
C ASP A 309 10.48 27.84 -26.96
N LEU A 310 9.82 26.68 -27.08
CA LEU A 310 8.48 26.50 -26.54
C LEU A 310 8.45 26.33 -25.03
N ASN A 311 9.57 26.01 -24.41
CA ASN A 311 9.61 25.75 -22.98
C ASN A 311 9.32 27.00 -22.17
N LYS A 312 8.67 26.82 -21.02
CA LYS A 312 8.33 27.93 -20.13
C LYS A 312 8.71 27.64 -18.68
N ARG A 313 9.58 26.64 -18.45
CA ARG A 313 10.01 26.24 -17.12
C ARG A 313 11.51 26.02 -17.08
N LYS A 314 12.28 26.98 -17.61
CA LYS A 314 13.70 26.77 -17.86
C LYS A 314 14.50 26.48 -16.60
N ASP A 315 13.98 26.83 -15.42
CA ASP A 315 14.72 26.65 -14.18
C ASP A 315 14.49 25.31 -13.51
N THR A 316 13.54 24.50 -13.99
CA THR A 316 13.15 23.28 -13.31
C THR A 316 13.50 22.02 -14.10
N LYS A 317 13.10 21.93 -15.37
CA LYS A 317 13.33 20.76 -16.18
C LYS A 317 14.02 21.14 -17.48
N GLU A 318 14.84 20.23 -17.99
CA GLU A 318 15.60 20.45 -19.20
C GLU A 318 14.92 19.78 -20.39
N ILE A 319 15.49 19.98 -21.57
CA ILE A 319 15.03 19.35 -22.81
C ILE A 319 16.26 18.90 -23.59
N TYR A 320 16.27 17.66 -24.04
CA TYR A 320 17.40 17.13 -24.79
C TYR A 320 16.98 16.85 -26.23
N THR A 321 17.90 17.03 -27.16
CA THR A 321 17.62 16.87 -28.58
C THR A 321 18.65 15.96 -29.21
N HIS A 322 18.22 15.26 -30.26
CA HIS A 322 19.07 14.32 -30.99
C HIS A 322 18.41 14.00 -32.32
N PHE A 323 19.23 13.87 -33.36
CA PHE A 323 18.75 13.52 -34.70
C PHE A 323 18.76 12.01 -34.83
N THR A 324 17.61 11.45 -35.23
CA THR A 324 17.44 9.99 -35.23
C THR A 324 18.40 9.31 -36.18
N CYS A 325 19.38 8.60 -35.64
CA CYS A 325 20.33 7.85 -36.45
C CYS A 325 19.70 6.54 -36.92
N SER A 326 20.33 5.93 -37.93
CA SER A 326 19.81 4.71 -38.50
C SER A 326 20.89 3.68 -38.84
N THR A 327 22.10 3.82 -38.30
CA THR A 327 23.20 2.95 -38.69
C THR A 327 23.85 2.21 -37.53
N ASP A 328 23.59 2.59 -36.28
CA ASP A 328 24.24 1.93 -35.15
C ASP A 328 23.34 2.10 -33.93
N THR A 329 23.90 1.84 -32.75
CA THR A 329 23.15 1.74 -31.50
C THR A 329 23.25 3.01 -30.65
N LYS A 330 23.29 4.18 -31.29
CA LYS A 330 23.35 5.43 -30.53
C LYS A 330 22.03 5.78 -29.88
N ASN A 331 20.92 5.31 -30.46
CA ASN A 331 19.59 5.70 -30.01
C ASN A 331 19.26 5.19 -28.61
N VAL A 332 20.03 4.24 -28.09
CA VAL A 332 19.85 3.76 -26.73
C VAL A 332 20.87 4.40 -25.78
N GLN A 333 22.08 4.64 -26.27
CA GLN A 333 23.09 5.31 -25.46
C GLN A 333 22.64 6.71 -25.08
N PHE A 334 21.96 7.40 -25.99
CA PHE A 334 21.48 8.74 -25.68
C PHE A 334 20.49 8.70 -24.52
N VAL A 335 19.56 7.75 -24.54
CA VAL A 335 18.58 7.65 -23.46
C VAL A 335 19.26 7.26 -22.15
N PHE A 336 20.26 6.39 -22.23
CA PHE A 336 21.00 6.01 -21.03
C PHE A 336 21.66 7.23 -20.38
N ASP A 337 22.30 8.07 -21.20
CA ASP A 337 22.92 9.27 -20.66
C ASP A 337 21.88 10.20 -20.05
N ALA A 338 20.75 10.39 -20.74
CA ALA A 338 19.72 11.29 -20.23
C ALA A 338 19.21 10.83 -18.87
N VAL A 339 18.94 9.52 -18.73
CA VAL A 339 18.40 9.05 -17.46
C VAL A 339 19.46 9.10 -16.36
N THR A 340 20.74 8.87 -16.68
CA THR A 340 21.78 9.02 -15.67
C THR A 340 21.82 10.45 -15.13
N ASP A 341 21.74 11.43 -16.04
CA ASP A 341 21.75 12.82 -15.60
C ASP A 341 20.52 13.15 -14.76
N VAL A 342 19.35 12.63 -15.15
CA VAL A 342 18.15 12.89 -14.36
C VAL A 342 18.29 12.31 -12.95
N ILE A 343 18.85 11.10 -12.85
CA ILE A 343 19.04 10.48 -11.54
C ILE A 343 19.96 11.33 -10.67
N ILE A 344 21.08 11.79 -11.24
CA ILE A 344 22.03 12.59 -10.46
C ILE A 344 21.37 13.87 -9.95
N LYS A 345 20.65 14.58 -10.84
CA LYS A 345 20.03 15.83 -10.41
C LYS A 345 18.93 15.61 -9.37
N ASN A 346 18.10 14.58 -9.53
CA ASN A 346 17.09 14.31 -8.51
C ASN A 346 17.74 14.01 -7.17
N ASN A 347 18.79 13.19 -7.17
CA ASN A 347 19.47 12.85 -5.91
C ASN A 347 19.99 14.11 -5.23
N LEU A 348 20.69 14.97 -5.98
CA LEU A 348 21.24 16.17 -5.36
C LEU A 348 20.15 17.11 -4.86
N LYS A 349 19.12 17.34 -5.68
CA LYS A 349 18.10 18.32 -5.30
C LYS A 349 17.16 17.81 -4.22
N ASP A 350 17.13 16.51 -3.95
CA ASP A 350 16.33 16.03 -2.83
C ASP A 350 16.99 16.30 -1.49
N CYS A 351 18.28 16.63 -1.47
CA CYS A 351 19.03 16.85 -0.24
C CYS A 351 19.19 18.32 0.11
N GLY A 352 18.49 19.20 -0.57
CA GLY A 352 18.55 20.62 -0.28
C GLY A 352 19.91 21.22 -0.56
N LEU A 353 20.73 20.49 -1.31
CA LEU A 353 22.10 20.92 -1.61
C LEU A 353 22.13 21.88 -2.78
N LEU B 9 -34.75 15.25 -43.50
CA LEU B 9 -33.77 15.48 -42.46
C LEU B 9 -34.15 16.67 -41.59
N ASP B 10 -34.55 17.77 -42.25
CA ASP B 10 -34.98 18.96 -41.52
C ASP B 10 -36.25 18.68 -40.72
N GLN B 11 -37.18 17.93 -41.30
CA GLN B 11 -38.41 17.59 -40.59
C GLN B 11 -38.12 16.76 -39.35
N LEU B 12 -37.17 15.82 -39.44
CA LEU B 12 -36.81 15.02 -38.28
C LEU B 12 -36.21 15.89 -37.17
N ARG B 13 -35.34 16.83 -37.54
CA ARG B 13 -34.77 17.73 -36.55
C ARG B 13 -35.82 18.62 -35.90
N GLN B 14 -36.77 19.12 -36.71
CA GLN B 14 -37.85 19.93 -36.14
C GLN B 14 -38.71 19.11 -35.20
N GLU B 15 -39.01 17.85 -35.56
CA GLU B 15 -39.78 16.99 -34.69
C GLU B 15 -39.04 16.70 -33.39
N ALA B 16 -37.73 16.48 -33.48
CA ALA B 16 -36.93 16.26 -32.27
C ALA B 16 -36.94 17.49 -31.37
N GLU B 17 -36.80 18.68 -31.96
CA GLU B 17 -36.85 19.91 -31.17
C GLU B 17 -38.21 20.09 -30.51
N GLN B 18 -39.28 19.80 -31.25
CA GLN B 18 -40.63 19.90 -30.68
C GLN B 18 -40.82 18.91 -29.54
N LEU B 19 -40.31 17.68 -29.70
CA LEU B 19 -40.41 16.70 -28.63
C LEU B 19 -39.62 17.13 -27.39
N LYS B 20 -38.43 17.68 -27.60
CA LYS B 20 -37.65 18.18 -26.46
C LYS B 20 -38.37 19.31 -25.75
N ASN B 21 -38.96 20.23 -26.51
CA ASN B 21 -39.71 21.33 -25.91
C ASN B 21 -40.93 20.80 -25.14
N GLN B 22 -41.62 19.81 -25.70
CA GLN B 22 -42.76 19.22 -25.02
C GLN B 22 -42.34 18.54 -23.72
N ILE B 23 -41.22 17.82 -23.74
CA ILE B 23 -40.72 17.17 -22.53
C ILE B 23 -40.36 18.21 -21.48
N ARG B 24 -39.71 19.30 -21.90
CA ARG B 24 -39.35 20.35 -20.96
C ARG B 24 -40.60 21.01 -20.37
N ASP B 25 -41.61 21.26 -21.19
CA ASP B 25 -42.83 21.86 -20.70
C ASP B 25 -43.55 20.93 -19.71
N ALA B 26 -43.58 19.63 -20.01
CA ALA B 26 -44.19 18.67 -19.10
C ALA B 26 -43.43 18.63 -17.78
N ARG B 27 -42.10 18.65 -17.83
CA ARG B 27 -41.31 18.66 -16.61
C ARG B 27 -41.56 19.93 -15.79
N LYS B 28 -41.66 21.07 -16.46
CA LYS B 28 -41.95 22.31 -15.75
C LYS B 28 -43.33 22.28 -15.11
N ALA B 29 -44.32 21.71 -15.82
CA ALA B 29 -45.66 21.60 -15.25
C ALA B 29 -45.69 20.60 -14.10
N CYS B 30 -44.79 19.62 -14.10
CA CYS B 30 -44.73 18.63 -13.04
C CYS B 30 -44.00 19.15 -11.79
N ALA B 31 -43.37 20.31 -11.87
CA ALA B 31 -42.67 20.89 -10.72
C ALA B 31 -43.61 21.90 -10.05
N ASP B 32 -44.11 21.55 -8.88
CA ASP B 32 -45.04 22.39 -8.13
C ASP B 32 -44.48 22.88 -6.81
N ALA B 33 -43.88 21.98 -6.01
CA ALA B 33 -43.31 22.35 -4.74
C ALA B 33 -41.93 21.71 -4.59
N THR B 34 -41.05 22.39 -3.87
CA THR B 34 -39.69 21.92 -3.65
C THR B 34 -39.51 21.46 -2.21
N LEU B 35 -38.58 20.52 -2.03
CA LEU B 35 -38.29 19.97 -0.71
C LEU B 35 -37.49 20.94 0.16
N SER B 36 -36.83 21.94 -0.45
CA SER B 36 -36.09 22.91 0.34
C SER B 36 -37.00 23.73 1.24
N GLN B 37 -38.29 23.81 0.92
CA GLN B 37 -39.27 24.50 1.76
C GLN B 37 -39.95 23.59 2.75
N ILE B 38 -39.62 22.30 2.76
CA ILE B 38 -40.22 21.35 3.67
C ILE B 38 -39.28 20.97 4.81
N THR B 39 -37.97 20.91 4.57
CA THR B 39 -37.00 20.50 5.59
C THR B 39 -36.60 21.64 6.52
N ASN B 40 -37.13 22.85 6.31
CA ASN B 40 -36.83 23.96 7.21
C ASN B 40 -37.39 23.72 8.61
N ASN B 41 -38.35 22.80 8.76
CA ASN B 41 -38.92 22.47 10.04
C ASN B 41 -38.33 21.19 10.64
N ILE B 42 -37.25 20.69 10.06
CA ILE B 42 -36.64 19.43 10.49
C ILE B 42 -35.43 19.74 11.35
N ASP B 43 -35.34 19.08 12.49
CA ASP B 43 -34.21 19.27 13.39
C ASP B 43 -32.94 18.72 12.73
N PRO B 44 -31.86 19.49 12.66
CA PRO B 44 -30.64 19.01 12.01
C PRO B 44 -29.96 17.93 12.84
N VAL B 45 -28.95 17.32 12.23
CA VAL B 45 -28.20 16.28 12.92
C VAL B 45 -27.35 16.86 14.03
N GLY B 46 -26.88 18.09 13.86
CA GLY B 46 -25.91 18.64 14.78
C GLY B 46 -24.51 18.25 14.39
N ARG B 47 -23.54 18.72 15.18
CA ARG B 47 -22.15 18.40 14.90
C ARG B 47 -21.92 16.90 14.97
N ILE B 48 -21.24 16.38 13.95
CA ILE B 48 -20.92 14.96 13.85
C ILE B 48 -19.42 14.82 13.69
N GLN B 49 -18.79 14.06 14.58
CA GLN B 49 -17.35 13.86 14.57
C GLN B 49 -17.07 12.37 14.64
N MET B 50 -15.92 11.97 14.07
CA MET B 50 -15.54 10.57 14.03
C MET B 50 -14.04 10.47 14.31
N ARG B 51 -13.62 9.29 14.71
CA ARG B 51 -12.24 9.05 15.12
C ARG B 51 -11.70 7.80 14.44
N THR B 52 -10.42 7.84 14.12
CA THR B 52 -9.76 6.70 13.50
C THR B 52 -9.73 5.52 14.46
N ARG B 53 -10.36 4.41 14.10
CA ARG B 53 -10.32 3.25 14.99
C ARG B 53 -9.21 2.28 14.63
N ARG B 54 -8.99 2.04 13.34
CA ARG B 54 -7.90 1.22 12.86
C ARG B 54 -7.20 1.95 11.72
N THR B 55 -5.99 1.48 11.41
CA THR B 55 -5.25 1.97 10.26
C THR B 55 -4.57 0.79 9.61
N LEU B 56 -4.87 0.55 8.35
CA LEU B 56 -4.39 -0.61 7.61
C LEU B 56 -3.24 -0.17 6.72
N ARG B 57 -2.09 -0.82 6.86
CA ARG B 57 -0.90 -0.50 6.10
C ARG B 57 -0.40 -1.72 5.36
N GLY B 58 0.43 -1.49 4.35
CA GLY B 58 0.99 -2.57 3.57
C GLY B 58 1.04 -2.24 2.10
N HIS B 59 0.11 -1.39 1.64
CA HIS B 59 0.17 -0.86 0.30
C HIS B 59 1.33 0.11 0.19
N LEU B 60 1.88 0.23 -1.01
CA LEU B 60 3.00 1.14 -1.25
C LEU B 60 2.65 2.26 -2.22
N ALA B 61 2.09 1.94 -3.37
CA ALA B 61 1.66 2.95 -4.32
C ALA B 61 0.27 3.46 -3.94
N LYS B 62 -0.38 4.18 -4.84
CA LYS B 62 -1.68 4.76 -4.55
C LYS B 62 -2.74 3.65 -4.48
N ILE B 63 -3.95 4.04 -4.07
CA ILE B 63 -5.08 3.14 -3.92
C ILE B 63 -6.18 3.62 -4.85
N TYR B 64 -6.73 2.73 -5.67
CA TYR B 64 -7.72 3.19 -6.63
C TYR B 64 -9.14 2.70 -6.39
N ALA B 65 -9.33 1.61 -5.65
CA ALA B 65 -10.69 1.16 -5.38
C ALA B 65 -10.72 0.30 -4.12
N MET B 66 -11.91 0.22 -3.53
CA MET B 66 -12.18 -0.67 -2.41
C MET B 66 -13.66 -0.99 -2.38
N HIS B 67 -14.01 -2.13 -1.77
CA HIS B 67 -15.38 -2.60 -1.76
C HIS B 67 -15.61 -3.49 -0.55
N TRP B 68 -16.72 -3.29 0.15
CA TRP B 68 -17.06 -4.11 1.30
C TRP B 68 -17.61 -5.46 0.89
N GLY B 69 -17.53 -6.41 1.81
CA GLY B 69 -18.20 -7.68 1.65
C GLY B 69 -19.65 -7.61 2.06
N THR B 70 -20.31 -8.77 2.07
CA THR B 70 -21.73 -8.82 2.39
C THR B 70 -21.99 -9.04 3.88
N ASP B 71 -20.96 -9.20 4.69
CA ASP B 71 -21.11 -9.47 6.10
C ASP B 71 -20.48 -8.41 6.99
N SER B 72 -19.86 -7.39 6.41
CA SER B 72 -19.25 -6.28 7.14
C SER B 72 -18.06 -6.72 7.99
N ARG B 73 -17.29 -7.69 7.51
CA ARG B 73 -16.06 -8.06 8.20
C ARG B 73 -14.87 -8.09 7.24
N LEU B 74 -15.09 -8.53 6.00
CA LEU B 74 -14.00 -8.72 5.06
C LEU B 74 -13.92 -7.56 4.08
N LEU B 75 -12.71 -7.30 3.58
CA LEU B 75 -12.44 -6.09 2.82
C LEU B 75 -11.52 -6.40 1.65
N VAL B 76 -11.71 -5.67 0.54
CA VAL B 76 -10.89 -5.83 -0.66
C VAL B 76 -10.29 -4.48 -1.04
N SER B 77 -9.04 -4.48 -1.48
CA SER B 77 -8.36 -3.24 -1.86
C SER B 77 -7.43 -3.49 -3.04
N ALA B 78 -7.36 -2.49 -3.94
CA ALA B 78 -6.59 -2.57 -5.19
C ALA B 78 -5.64 -1.39 -5.33
N SER B 79 -4.38 -1.70 -5.62
CA SER B 79 -3.36 -0.65 -5.72
C SER B 79 -2.71 -0.70 -7.09
N GLN B 80 -1.84 0.29 -7.35
CA GLN B 80 -1.13 0.40 -8.61
C GLN B 80 0.12 -0.46 -8.66
N ASP B 81 0.45 -1.16 -7.59
CA ASP B 81 1.54 -2.11 -7.61
C ASP B 81 1.14 -3.43 -8.26
N GLY B 82 -0.05 -3.52 -8.84
CA GLY B 82 -0.58 -4.79 -9.30
C GLY B 82 -0.94 -5.72 -8.17
N LYS B 83 -1.54 -5.20 -7.10
CA LYS B 83 -1.83 -5.98 -5.90
C LYS B 83 -3.29 -5.83 -5.51
N LEU B 84 -3.90 -6.96 -5.16
CA LEU B 84 -5.21 -7.03 -4.55
C LEU B 84 -5.04 -7.65 -3.17
N ILE B 85 -5.71 -7.11 -2.16
CA ILE B 85 -5.57 -7.61 -0.80
C ILE B 85 -6.94 -7.78 -0.18
N ILE B 86 -7.14 -8.91 0.52
CA ILE B 86 -8.36 -9.19 1.28
C ILE B 86 -8.00 -9.20 2.75
N TRP B 87 -8.57 -8.24 3.48
CA TRP B 87 -8.34 -7.96 4.90
C TRP B 87 -9.52 -8.41 5.76
N ASP B 88 -9.26 -8.47 7.06
CA ASP B 88 -10.28 -8.53 8.10
C ASP B 88 -10.23 -7.23 8.89
N SER B 89 -11.36 -6.53 8.99
CA SER B 89 -11.39 -5.21 9.59
C SER B 89 -11.57 -5.24 11.11
N TYR B 90 -11.74 -6.42 11.70
CA TYR B 90 -11.95 -6.51 13.14
C TYR B 90 -10.66 -6.70 13.92
N THR B 91 -9.60 -7.22 13.29
CA THR B 91 -8.34 -7.44 13.97
C THR B 91 -7.14 -6.94 13.18
N THR B 92 -7.36 -6.29 12.04
CA THR B 92 -6.28 -5.78 11.19
C THR B 92 -5.31 -6.88 10.79
N ASN B 93 -5.83 -7.84 10.02
CA ASN B 93 -5.05 -8.97 9.53
C ASN B 93 -5.15 -9.04 8.01
N LYS B 94 -4.35 -9.92 7.42
CA LYS B 94 -4.42 -10.18 5.99
C LYS B 94 -4.89 -11.62 5.79
N VAL B 95 -5.99 -11.78 5.03
CA VAL B 95 -6.49 -13.10 4.73
C VAL B 95 -5.97 -13.57 3.38
N HIS B 96 -5.93 -12.69 2.38
CA HIS B 96 -5.36 -13.06 1.10
C HIS B 96 -4.58 -11.91 0.48
N ALA B 97 -3.59 -12.28 -0.34
CA ALA B 97 -2.90 -11.35 -1.23
C ALA B 97 -2.86 -11.97 -2.63
N ILE B 98 -3.39 -11.23 -3.61
CA ILE B 98 -3.54 -11.71 -4.97
C ILE B 98 -2.66 -10.86 -5.88
N PRO B 99 -1.81 -11.46 -6.71
CA PRO B 99 -1.07 -10.70 -7.72
C PRO B 99 -1.89 -10.48 -8.98
N LEU B 100 -1.39 -9.60 -9.84
CA LEU B 100 -2.07 -9.22 -11.06
C LEU B 100 -1.10 -9.24 -12.24
N ARG B 101 -1.67 -9.21 -13.45
CA ARG B 101 -0.88 -9.16 -14.66
C ARG B 101 -0.73 -7.74 -15.21
N SER B 102 -1.76 -6.90 -15.08
CA SER B 102 -1.72 -5.52 -15.50
C SER B 102 -1.77 -4.62 -14.28
N SER B 103 -0.76 -3.77 -14.13
CA SER B 103 -0.65 -2.91 -12.96
C SER B 103 -1.56 -1.70 -13.00
N TRP B 104 -2.32 -1.51 -14.09
CA TRP B 104 -3.18 -0.35 -14.25
C TRP B 104 -4.62 -0.77 -13.97
N VAL B 105 -5.00 -0.69 -12.70
CA VAL B 105 -6.31 -1.13 -12.25
C VAL B 105 -7.11 0.08 -11.80
N MET B 106 -8.40 0.08 -12.11
CA MET B 106 -9.26 1.21 -11.75
C MET B 106 -10.59 0.79 -11.13
N THR B 107 -10.83 -0.51 -10.92
CA THR B 107 -12.10 -0.92 -10.33
C THR B 107 -11.97 -2.33 -9.77
N CYS B 108 -12.84 -2.63 -8.80
CA CYS B 108 -12.91 -3.95 -8.18
C CYS B 108 -14.33 -4.21 -7.70
N ALA B 109 -14.62 -5.48 -7.43
CA ALA B 109 -15.94 -5.89 -6.98
C ALA B 109 -15.81 -7.11 -6.08
N TYR B 110 -16.83 -7.31 -5.24
CA TYR B 110 -16.88 -8.42 -4.29
C TYR B 110 -18.20 -9.15 -4.50
N ALA B 111 -18.12 -10.45 -4.77
CA ALA B 111 -19.33 -11.22 -5.03
C ALA B 111 -20.18 -11.32 -3.77
N PRO B 112 -21.51 -11.21 -3.91
CA PRO B 112 -22.38 -11.28 -2.72
C PRO B 112 -22.36 -12.63 -2.03
N SER B 113 -21.93 -13.68 -2.72
CA SER B 113 -21.85 -15.02 -2.15
C SER B 113 -20.51 -15.30 -1.50
N GLY B 114 -19.59 -14.34 -1.48
CA GLY B 114 -18.30 -14.55 -0.86
C GLY B 114 -17.42 -15.54 -1.57
N ASN B 115 -17.46 -15.61 -2.89
CA ASN B 115 -16.70 -16.60 -3.64
C ASN B 115 -15.78 -16.00 -4.69
N TYR B 116 -16.21 -14.93 -5.38
CA TYR B 116 -15.47 -14.41 -6.53
C TYR B 116 -15.13 -12.95 -6.33
N VAL B 117 -14.06 -12.52 -7.00
CA VAL B 117 -13.71 -11.11 -7.11
C VAL B 117 -13.44 -10.78 -8.58
N ALA B 118 -13.42 -9.49 -8.89
CA ALA B 118 -13.20 -9.01 -10.24
C ALA B 118 -12.23 -7.83 -10.26
N CYS B 119 -11.49 -7.70 -11.35
CA CYS B 119 -10.58 -6.58 -11.55
C CYS B 119 -10.60 -6.13 -13.00
N GLY B 120 -10.26 -4.86 -13.21
CA GLY B 120 -10.22 -4.29 -14.55
C GLY B 120 -9.48 -2.97 -14.58
N GLY B 121 -9.14 -2.56 -15.81
CA GLY B 121 -8.38 -1.33 -16.00
C GLY B 121 -8.16 -0.94 -17.45
N LEU B 122 -6.94 -0.54 -17.77
CA LEU B 122 -6.58 -0.01 -19.08
C LEU B 122 -6.21 -1.09 -20.09
N ASP B 123 -6.29 -2.35 -19.72
CA ASP B 123 -5.94 -3.44 -20.63
C ASP B 123 -7.15 -3.92 -21.42
N ASN B 124 -8.33 -3.35 -21.15
CA ASN B 124 -9.60 -3.67 -21.83
C ASN B 124 -10.13 -5.06 -21.50
N ILE B 125 -9.61 -5.71 -20.45
CA ILE B 125 -10.00 -7.06 -20.10
C ILE B 125 -10.44 -7.09 -18.65
N CYS B 126 -11.52 -7.82 -18.37
CA CYS B 126 -12.04 -7.96 -17.01
C CYS B 126 -11.69 -9.36 -16.51
N SER B 127 -10.97 -9.43 -15.40
CA SER B 127 -10.52 -10.70 -14.85
C SER B 127 -11.37 -11.10 -13.64
N ILE B 128 -11.80 -12.36 -13.61
CA ILE B 128 -12.67 -12.88 -12.58
C ILE B 128 -11.95 -14.02 -11.87
N TYR B 129 -11.80 -13.88 -10.54
CA TYR B 129 -11.02 -14.77 -9.68
C TYR B 129 -11.93 -15.53 -8.73
N ASN B 130 -11.57 -16.78 -8.47
CA ASN B 130 -12.31 -17.69 -7.60
C ASN B 130 -11.54 -17.90 -6.30
N LEU B 131 -12.22 -17.75 -5.17
CA LEU B 131 -11.56 -17.75 -3.87
C LEU B 131 -11.53 -19.12 -3.20
N LYS B 132 -12.62 -19.88 -3.26
CA LYS B 132 -12.77 -21.11 -2.50
C LYS B 132 -12.56 -22.30 -3.42
N THR B 133 -11.44 -23.00 -3.22
CA THR B 133 -11.07 -24.19 -3.98
C THR B 133 -10.55 -25.26 -3.02
N ARG B 134 -10.02 -26.34 -3.58
CA ARG B 134 -9.49 -27.44 -2.79
C ARG B 134 -7.97 -27.46 -2.70
N GLU B 135 -7.28 -26.68 -3.52
CA GLU B 135 -5.82 -26.64 -3.48
C GLU B 135 -5.28 -25.52 -2.60
N GLY B 136 -6.15 -24.69 -2.03
CA GLY B 136 -5.73 -23.67 -1.09
C GLY B 136 -5.29 -22.34 -1.69
N ASN B 137 -5.25 -22.23 -3.01
CA ASN B 137 -4.82 -20.99 -3.65
C ASN B 137 -6.01 -20.29 -4.30
N VAL B 138 -5.75 -19.17 -4.97
CA VAL B 138 -6.75 -18.42 -5.70
C VAL B 138 -6.34 -18.41 -7.17
N ARG B 139 -7.26 -18.81 -8.05
CA ARG B 139 -6.95 -19.04 -9.45
C ARG B 139 -7.80 -18.13 -10.33
N VAL B 140 -7.33 -17.91 -11.56
CA VAL B 140 -7.99 -17.04 -12.51
C VAL B 140 -9.10 -17.82 -13.21
N SER B 141 -10.34 -17.51 -12.88
CA SER B 141 -11.46 -18.24 -13.45
C SER B 141 -11.80 -17.78 -14.86
N ARG B 142 -11.86 -16.48 -15.11
CA ARG B 142 -12.30 -16.03 -16.43
C ARG B 142 -11.61 -14.73 -16.83
N GLU B 143 -11.48 -14.55 -18.15
CA GLU B 143 -11.02 -13.30 -18.74
C GLU B 143 -12.04 -12.87 -19.79
N LEU B 144 -12.75 -11.78 -19.53
CA LEU B 144 -13.75 -11.26 -20.45
C LEU B 144 -13.14 -10.15 -21.31
N ALA B 145 -13.30 -10.26 -22.62
CA ALA B 145 -12.76 -9.33 -23.60
C ALA B 145 -13.81 -8.98 -24.63
N GLY B 146 -13.68 -7.79 -25.22
CA GLY B 146 -14.67 -7.33 -26.17
C GLY B 146 -14.92 -5.84 -26.17
N HIS B 147 -14.35 -5.13 -25.22
CA HIS B 147 -14.40 -3.67 -25.22
C HIS B 147 -13.24 -3.12 -26.05
N THR B 148 -13.29 -1.81 -26.31
CA THR B 148 -12.28 -1.16 -27.12
C THR B 148 -11.57 0.00 -26.44
N GLY B 149 -12.04 0.44 -25.27
CA GLY B 149 -11.42 1.54 -24.58
C GLY B 149 -10.78 1.16 -23.26
N TYR B 150 -11.46 1.43 -22.16
CA TYR B 150 -10.95 1.09 -20.84
C TYR B 150 -12.12 0.99 -19.87
N LEU B 151 -12.03 0.01 -18.97
CA LEU B 151 -13.12 -0.27 -18.03
C LEU B 151 -13.07 0.72 -16.87
N SER B 152 -14.25 1.19 -16.46
CA SER B 152 -14.33 2.12 -15.36
C SER B 152 -14.95 1.55 -14.09
N CYS B 153 -15.88 0.59 -14.21
CA CYS B 153 -16.51 0.03 -13.03
C CYS B 153 -17.22 -1.26 -13.40
N CYS B 154 -17.07 -2.27 -12.54
CA CYS B 154 -17.67 -3.59 -12.73
C CYS B 154 -18.39 -4.02 -11.46
N ARG B 155 -19.62 -4.49 -11.62
CA ARG B 155 -20.43 -4.98 -10.51
C ARG B 155 -20.97 -6.36 -10.83
N PHE B 156 -21.14 -7.16 -9.79
CA PHE B 156 -21.73 -8.49 -9.91
C PHE B 156 -23.24 -8.37 -9.76
N LEU B 157 -23.96 -8.81 -10.78
CA LEU B 157 -25.41 -8.72 -10.77
C LEU B 157 -26.01 -9.89 -10.00
N ASP B 158 -25.55 -11.09 -10.31
CA ASP B 158 -25.79 -12.32 -9.55
C ASP B 158 -24.46 -13.08 -9.54
N ASP B 159 -24.50 -14.35 -9.19
CA ASP B 159 -23.29 -15.15 -9.18
C ASP B 159 -22.88 -15.59 -10.57
N ASN B 160 -23.73 -15.39 -11.59
CA ASN B 160 -23.40 -15.80 -12.94
C ASN B 160 -23.71 -14.71 -13.98
N GLN B 161 -23.69 -13.45 -13.58
CA GLN B 161 -23.97 -12.34 -14.49
C GLN B 161 -23.18 -11.13 -14.02
N ILE B 162 -22.50 -10.45 -14.95
CA ILE B 162 -21.67 -9.31 -14.60
C ILE B 162 -21.96 -8.16 -15.55
N VAL B 163 -21.68 -6.94 -15.09
CA VAL B 163 -21.96 -5.73 -15.86
C VAL B 163 -20.70 -4.88 -15.92
N THR B 164 -20.40 -4.35 -17.12
CA THR B 164 -19.22 -3.51 -17.31
C THR B 164 -19.58 -2.23 -18.05
N SER B 165 -18.81 -1.18 -17.78
CA SER B 165 -18.95 0.11 -18.44
C SER B 165 -17.57 0.60 -18.87
N SER B 166 -17.48 1.14 -20.09
CA SER B 166 -16.17 1.52 -20.61
C SER B 166 -16.18 2.95 -21.12
N GLY B 167 -15.06 3.35 -21.70
CA GLY B 167 -14.88 4.69 -22.23
C GLY B 167 -15.09 4.77 -23.72
N ASP B 168 -15.90 3.86 -24.25
CA ASP B 168 -16.29 3.86 -25.66
C ASP B 168 -17.77 4.13 -25.84
N THR B 169 -18.38 4.84 -24.90
CA THR B 169 -19.82 5.08 -24.85
C THR B 169 -20.63 3.79 -24.76
N THR B 170 -20.07 2.74 -24.17
CA THR B 170 -20.70 1.43 -24.17
C THR B 170 -20.75 0.82 -22.77
N CYS B 171 -21.93 0.27 -22.44
CA CYS B 171 -22.10 -0.61 -21.31
C CYS B 171 -22.50 -1.99 -21.81
N ALA B 172 -22.17 -3.03 -21.04
CA ALA B 172 -22.36 -4.39 -21.52
C ALA B 172 -22.75 -5.31 -20.37
N LEU B 173 -23.53 -6.35 -20.68
CA LEU B 173 -23.89 -7.38 -19.71
C LEU B 173 -23.37 -8.74 -20.17
N TRP B 174 -22.61 -9.41 -19.32
CA TRP B 174 -21.94 -10.65 -19.65
C TRP B 174 -22.50 -11.81 -18.85
N ASP B 175 -22.58 -12.97 -19.51
CA ASP B 175 -22.87 -14.25 -18.86
C ASP B 175 -21.56 -15.01 -18.69
N ILE B 176 -21.14 -15.21 -17.44
CA ILE B 176 -19.78 -15.64 -17.14
C ILE B 176 -19.50 -17.03 -17.69
N GLU B 177 -20.45 -17.96 -17.51
CA GLU B 177 -20.20 -19.34 -17.86
C GLU B 177 -19.92 -19.50 -19.36
N THR B 178 -20.72 -18.83 -20.19
CA THR B 178 -20.54 -18.91 -21.63
C THR B 178 -19.27 -18.19 -22.07
N GLY B 179 -19.07 -16.96 -21.59
CA GLY B 179 -17.99 -16.10 -22.01
C GLY B 179 -18.36 -15.05 -23.02
N GLN B 180 -19.65 -14.87 -23.30
CA GLN B 180 -20.11 -14.04 -24.40
C GLN B 180 -21.10 -13.00 -23.91
N GLN B 181 -21.13 -11.86 -24.60
CA GLN B 181 -22.06 -10.79 -24.27
C GLN B 181 -23.49 -11.23 -24.58
N THR B 182 -24.43 -10.78 -23.75
CA THR B 182 -25.84 -11.03 -23.99
C THR B 182 -26.62 -9.78 -24.34
N THR B 183 -26.14 -8.60 -23.97
CA THR B 183 -26.79 -7.36 -24.37
C THR B 183 -25.82 -6.19 -24.20
N THR B 184 -25.94 -5.23 -25.12
CA THR B 184 -25.07 -4.06 -25.18
C THR B 184 -25.93 -2.80 -25.14
N PHE B 185 -25.46 -1.80 -24.43
CA PHE B 185 -26.15 -0.52 -24.27
C PHE B 185 -25.27 0.58 -24.86
N THR B 186 -25.79 1.24 -25.89
CA THR B 186 -25.12 2.33 -26.59
C THR B 186 -26.07 3.51 -26.71
N GLY B 187 -25.50 4.69 -26.85
CA GLY B 187 -26.29 5.90 -26.87
C GLY B 187 -25.58 7.10 -26.25
N HIS B 188 -24.50 6.84 -25.53
CA HIS B 188 -23.67 7.92 -25.03
C HIS B 188 -22.79 8.48 -26.15
N THR B 189 -22.25 9.68 -25.92
CA THR B 189 -21.34 10.31 -26.86
C THR B 189 -19.90 10.33 -26.40
N GLY B 190 -19.65 10.33 -25.09
CA GLY B 190 -18.30 10.35 -24.57
C GLY B 190 -18.02 9.24 -23.58
N ASP B 191 -17.01 9.44 -22.73
CA ASP B 191 -16.61 8.39 -21.80
C ASP B 191 -17.63 8.21 -20.69
N VAL B 192 -17.75 6.97 -20.22
CA VAL B 192 -18.64 6.58 -19.13
C VAL B 192 -17.79 6.31 -17.89
N MET B 193 -18.22 6.82 -16.73
CA MET B 193 -17.37 6.73 -15.55
C MET B 193 -17.96 6.02 -14.34
N SER B 194 -19.27 5.80 -14.27
CA SER B 194 -19.80 5.19 -13.06
C SER B 194 -21.09 4.45 -13.35
N LEU B 195 -21.39 3.47 -12.50
CA LEU B 195 -22.69 2.80 -12.50
C LEU B 195 -22.93 2.19 -11.12
N SER B 196 -24.21 2.08 -10.76
CA SER B 196 -24.59 1.66 -9.41
C SER B 196 -25.88 0.84 -9.49
N LEU B 197 -25.77 -0.46 -9.20
CA LEU B 197 -26.89 -1.37 -9.33
C LEU B 197 -27.95 -1.08 -8.27
N ALA B 198 -29.17 -1.52 -8.55
CA ALA B 198 -30.29 -1.33 -7.66
C ALA B 198 -30.48 -2.54 -6.75
N PRO B 199 -31.05 -2.35 -5.56
CA PRO B 199 -31.26 -3.49 -4.65
C PRO B 199 -32.13 -4.60 -5.22
N ASP B 200 -33.17 -4.25 -6.00
CA ASP B 200 -34.02 -5.28 -6.59
C ASP B 200 -33.36 -6.00 -7.75
N THR B 201 -32.22 -5.50 -8.23
CA THR B 201 -31.39 -6.19 -9.22
C THR B 201 -32.15 -6.31 -10.55
N ARG B 202 -32.66 -5.18 -11.03
CA ARG B 202 -33.33 -5.15 -12.33
C ARG B 202 -32.99 -3.94 -13.20
N LEU B 203 -32.37 -2.89 -12.66
CA LEU B 203 -32.11 -1.66 -13.40
C LEU B 203 -30.71 -1.19 -13.05
N PHE B 204 -30.17 -0.24 -13.83
CA PHE B 204 -28.97 0.44 -13.39
C PHE B 204 -28.81 1.76 -14.14
N VAL B 205 -28.12 2.71 -13.50
CA VAL B 205 -27.92 4.05 -14.02
C VAL B 205 -26.43 4.29 -14.21
N SER B 206 -26.08 5.09 -15.22
CA SER B 206 -24.70 5.34 -15.58
C SER B 206 -24.50 6.80 -16.00
N GLY B 207 -23.35 7.36 -15.64
CA GLY B 207 -23.04 8.74 -15.92
C GLY B 207 -21.85 8.86 -16.86
N ALA B 208 -21.91 9.87 -17.74
CA ALA B 208 -20.93 9.99 -18.81
C ALA B 208 -20.05 11.22 -18.61
N CYS B 209 -19.05 11.34 -19.48
CA CYS B 209 -18.15 12.48 -19.53
C CYS B 209 -18.79 13.69 -20.21
N ASP B 210 -20.09 13.64 -20.48
CA ASP B 210 -20.77 14.66 -21.26
C ASP B 210 -21.87 15.36 -20.47
N ALA B 211 -21.72 15.45 -19.16
CA ALA B 211 -22.69 16.13 -18.30
C ALA B 211 -24.09 15.53 -18.44
N SER B 212 -24.16 14.20 -18.46
CA SER B 212 -25.45 13.53 -18.58
C SER B 212 -25.37 12.16 -17.92
N ALA B 213 -26.55 11.63 -17.60
CA ALA B 213 -26.68 10.29 -17.05
C ALA B 213 -27.86 9.60 -17.74
N LYS B 214 -27.82 8.27 -17.77
CA LYS B 214 -28.89 7.49 -18.37
C LYS B 214 -29.26 6.30 -17.48
N LEU B 215 -30.56 6.06 -17.36
CA LEU B 215 -31.11 4.91 -16.66
C LEU B 215 -31.51 3.84 -17.67
N TRP B 216 -31.13 2.59 -17.38
CA TRP B 216 -31.25 1.44 -18.26
C TRP B 216 -31.97 0.29 -17.56
N ASP B 217 -32.75 -0.46 -18.35
CA ASP B 217 -33.34 -1.72 -17.93
C ASP B 217 -32.55 -2.88 -18.53
N VAL B 218 -32.31 -3.92 -17.74
CA VAL B 218 -31.33 -4.93 -18.11
C VAL B 218 -31.93 -5.96 -19.05
N ARG B 219 -33.13 -6.46 -18.73
CA ARG B 219 -33.71 -7.57 -19.48
C ARG B 219 -33.96 -7.21 -20.94
N GLU B 220 -34.51 -6.03 -21.19
CA GLU B 220 -34.87 -5.63 -22.54
C GLU B 220 -33.69 -5.05 -23.33
N GLY B 221 -32.96 -4.10 -22.74
CA GLY B 221 -31.83 -3.47 -23.40
C GLY B 221 -32.09 -2.05 -23.87
N MET B 222 -33.34 -1.60 -23.89
CA MET B 222 -33.65 -0.26 -24.34
C MET B 222 -33.28 0.76 -23.27
N CYS B 223 -32.67 1.86 -23.69
CA CYS B 223 -32.40 2.95 -22.76
C CYS B 223 -33.72 3.48 -22.21
N ARG B 224 -33.83 3.55 -20.89
CA ARG B 224 -35.08 3.96 -20.27
C ARG B 224 -35.21 5.48 -20.16
N GLN B 225 -34.17 6.18 -19.71
CA GLN B 225 -34.36 7.62 -19.54
C GLN B 225 -33.00 8.32 -19.48
N THR B 226 -33.02 9.64 -19.67
CA THR B 226 -31.80 10.44 -19.73
C THR B 226 -31.98 11.74 -18.95
N PHE B 227 -30.98 12.07 -18.13
CA PHE B 227 -30.95 13.27 -17.31
C PHE B 227 -29.76 14.13 -17.67
N THR B 228 -29.96 15.45 -17.67
CA THR B 228 -28.91 16.43 -17.94
C THR B 228 -29.02 17.56 -16.92
N GLY B 229 -28.04 18.47 -16.97
CA GLY B 229 -28.06 19.63 -16.10
C GLY B 229 -26.72 20.10 -15.59
N HIS B 230 -25.74 19.20 -15.50
CA HIS B 230 -24.43 19.59 -14.99
C HIS B 230 -23.71 20.49 -15.99
N GLU B 231 -22.85 21.37 -15.46
CA GLU B 231 -22.06 22.25 -16.31
C GLU B 231 -20.94 21.51 -17.00
N SER B 232 -20.37 20.49 -16.34
CA SER B 232 -19.28 19.72 -16.91
C SER B 232 -19.41 18.24 -16.58
N ASP B 233 -18.32 17.50 -16.73
CA ASP B 233 -18.34 16.05 -16.69
C ASP B 233 -18.74 15.52 -15.31
N ILE B 234 -19.27 14.29 -15.32
CA ILE B 234 -19.80 13.60 -14.14
C ILE B 234 -18.84 12.49 -13.77
N ASN B 235 -18.40 12.46 -12.51
CA ASN B 235 -17.32 11.58 -12.10
C ASN B 235 -17.68 10.52 -11.07
N ALA B 236 -18.80 10.65 -10.37
CA ALA B 236 -19.18 9.64 -9.39
C ALA B 236 -20.69 9.60 -9.27
N ILE B 237 -21.25 8.38 -9.22
CA ILE B 237 -22.66 8.16 -8.98
C ILE B 237 -22.84 7.02 -8.01
N CYS B 238 -23.67 7.25 -6.99
CA CYS B 238 -24.14 6.24 -6.06
C CYS B 238 -25.65 6.13 -6.22
N PHE B 239 -26.27 5.29 -5.39
CA PHE B 239 -27.67 4.96 -5.62
C PHE B 239 -28.36 4.84 -4.27
N PHE B 240 -29.55 5.42 -4.18
CA PHE B 240 -30.24 5.53 -2.90
C PHE B 240 -30.72 4.15 -2.42
N PRO B 241 -30.86 3.97 -1.10
CA PRO B 241 -31.28 2.65 -0.58
C PRO B 241 -32.60 2.13 -1.12
N ASN B 242 -33.61 2.97 -1.30
CA ASN B 242 -34.93 2.43 -1.66
C ASN B 242 -35.07 2.13 -3.15
N GLY B 243 -34.17 2.61 -3.99
CA GLY B 243 -34.27 2.40 -5.41
C GLY B 243 -35.04 3.45 -6.18
N ASN B 244 -35.33 4.61 -5.58
CA ASN B 244 -36.12 5.64 -6.23
C ASN B 244 -35.39 6.98 -6.23
N ALA B 245 -34.06 6.97 -6.20
CA ALA B 245 -33.27 8.20 -6.20
C ALA B 245 -31.82 7.85 -6.48
N PHE B 246 -31.05 8.86 -6.87
CA PHE B 246 -29.60 8.74 -6.88
C PHE B 246 -28.99 10.14 -6.82
N ALA B 247 -27.70 10.17 -6.51
CA ALA B 247 -26.98 11.43 -6.32
C ALA B 247 -25.64 11.33 -7.01
N THR B 248 -25.22 12.44 -7.62
CA THR B 248 -24.06 12.43 -8.48
C THR B 248 -23.15 13.60 -8.15
N GLY B 249 -21.88 13.47 -8.56
CA GLY B 249 -20.91 14.53 -8.36
C GLY B 249 -20.15 14.85 -9.63
N SER B 250 -19.81 16.12 -9.83
CA SER B 250 -19.14 16.55 -11.05
C SER B 250 -17.76 17.10 -10.74
N ASP B 251 -16.96 17.28 -11.79
CA ASP B 251 -15.65 17.91 -11.64
C ASP B 251 -15.81 19.41 -11.70
N ASP B 252 -16.76 19.94 -10.93
CA ASP B 252 -17.03 21.37 -10.83
C ASP B 252 -17.20 21.81 -9.38
N ALA B 253 -16.87 20.95 -8.42
CA ALA B 253 -17.20 21.15 -7.01
C ALA B 253 -18.71 21.35 -6.86
N THR B 254 -19.46 20.36 -7.33
CA THR B 254 -20.91 20.37 -7.21
C THR B 254 -21.43 18.94 -7.13
N CYS B 255 -22.43 18.75 -6.27
CA CYS B 255 -23.17 17.51 -6.15
C CYS B 255 -24.64 17.78 -6.40
N ARG B 256 -25.34 16.77 -6.93
CA ARG B 256 -26.73 16.94 -7.33
C ARG B 256 -27.54 15.72 -6.90
N LEU B 257 -28.83 15.93 -6.62
CA LEU B 257 -29.73 14.84 -6.25
C LEU B 257 -30.82 14.70 -7.31
N PHE B 258 -30.81 13.58 -8.03
CA PHE B 258 -31.80 13.30 -9.07
C PHE B 258 -32.76 12.21 -8.62
N ASP B 259 -33.98 12.27 -9.14
CA ASP B 259 -35.01 11.26 -8.91
C ASP B 259 -35.44 10.67 -10.26
N LEU B 260 -35.83 9.39 -10.23
CA LEU B 260 -36.17 8.67 -11.46
C LEU B 260 -37.64 8.79 -11.85
N ARG B 261 -38.48 9.38 -11.01
CA ARG B 261 -39.90 9.51 -11.30
C ARG B 261 -40.34 10.95 -11.53
N ALA B 262 -39.87 11.89 -10.71
CA ALA B 262 -40.20 13.30 -10.91
C ALA B 262 -39.54 13.86 -12.17
N ASP B 263 -38.49 13.21 -12.67
CA ASP B 263 -37.80 13.64 -13.89
C ASP B 263 -37.30 15.08 -13.78
N GLN B 264 -36.72 15.43 -12.64
CA GLN B 264 -36.22 16.78 -12.41
C GLN B 264 -35.15 16.75 -11.34
N GLU B 265 -34.52 17.89 -11.11
CA GLU B 265 -33.45 18.05 -10.14
C GLU B 265 -34.03 18.52 -8.81
N LEU B 266 -33.42 18.06 -7.72
CA LEU B 266 -33.97 18.32 -6.39
C LEU B 266 -33.07 19.21 -5.54
N MET B 267 -31.83 18.82 -5.27
CA MET B 267 -30.94 19.62 -4.44
C MET B 267 -29.54 19.69 -5.05
N THR B 268 -28.86 20.79 -4.71
CA THR B 268 -27.50 21.07 -5.12
C THR B 268 -26.63 21.26 -3.89
N TYR B 269 -25.53 20.54 -3.83
CA TYR B 269 -24.56 20.67 -2.73
C TYR B 269 -23.33 21.37 -3.30
N SER B 270 -23.08 22.58 -2.82
CA SER B 270 -21.93 23.38 -3.24
C SER B 270 -21.66 24.43 -2.19
N HIS B 271 -20.43 24.93 -2.17
CA HIS B 271 -20.01 25.95 -1.23
C HIS B 271 -18.85 26.74 -1.82
N ASP B 272 -18.81 28.04 -1.50
CA ASP B 272 -17.89 28.96 -2.17
C ASP B 272 -16.43 28.66 -1.89
N ASN B 273 -16.11 28.05 -0.75
CA ASN B 273 -14.73 27.75 -0.40
C ASN B 273 -14.22 26.46 -1.04
N ILE B 274 -15.06 25.76 -1.77
CA ILE B 274 -14.70 24.47 -2.37
C ILE B 274 -14.55 24.69 -3.87
N ILE B 275 -13.33 24.55 -4.37
CA ILE B 275 -13.08 24.74 -5.80
C ILE B 275 -12.24 23.58 -6.36
N CYS B 276 -12.29 22.42 -5.71
CA CYS B 276 -11.57 21.25 -6.16
C CYS B 276 -12.54 20.21 -6.73
N GLY B 277 -12.00 19.05 -7.07
CA GLY B 277 -12.77 17.99 -7.70
C GLY B 277 -13.44 17.05 -6.72
N ILE B 278 -14.40 16.28 -7.23
CA ILE B 278 -15.12 15.29 -6.46
C ILE B 278 -14.84 13.92 -7.04
N THR B 279 -14.42 12.97 -6.20
CA THR B 279 -13.97 11.68 -6.68
C THR B 279 -14.85 10.51 -6.28
N SER B 280 -15.67 10.64 -5.23
CA SER B 280 -16.55 9.54 -4.85
C SER B 280 -17.68 10.05 -3.98
N VAL B 281 -18.80 9.34 -4.02
CA VAL B 281 -20.01 9.68 -3.27
C VAL B 281 -20.64 8.40 -2.74
N SER B 282 -21.16 8.45 -1.51
CA SER B 282 -21.85 7.31 -0.94
C SER B 282 -22.90 7.80 0.05
N PHE B 283 -23.89 6.94 0.32
CA PHE B 283 -24.96 7.23 1.26
C PHE B 283 -24.76 6.46 2.57
N SER B 284 -25.74 6.58 3.46
CA SER B 284 -25.75 5.91 4.76
C SER B 284 -26.89 4.90 4.79
N LYS B 285 -27.11 4.29 5.95
CA LYS B 285 -28.04 3.18 6.06
C LYS B 285 -29.49 3.63 6.21
N SER B 286 -29.73 4.91 6.47
CA SER B 286 -31.08 5.42 6.60
C SER B 286 -31.36 6.58 5.65
N GLY B 287 -30.45 6.88 4.75
CA GLY B 287 -30.63 8.01 3.86
C GLY B 287 -30.65 9.35 4.58
N ARG B 288 -29.70 9.57 5.49
CA ARG B 288 -29.62 10.81 6.24
C ARG B 288 -28.23 11.42 6.24
N LEU B 289 -27.20 10.70 5.81
CA LEU B 289 -25.87 11.26 5.70
C LEU B 289 -25.31 10.93 4.32
N LEU B 290 -24.71 11.93 3.67
CA LEU B 290 -24.07 11.75 2.37
C LEU B 290 -22.58 12.02 2.52
N LEU B 291 -21.76 11.06 2.17
CA LEU B 291 -20.32 11.17 2.35
C LEU B 291 -19.67 11.38 0.99
N ALA B 292 -18.80 12.39 0.91
CA ALA B 292 -18.20 12.80 -0.35
C ALA B 292 -16.70 12.91 -0.20
N GLY B 293 -15.96 12.52 -1.24
CA GLY B 293 -14.52 12.64 -1.25
C GLY B 293 -14.01 13.68 -2.22
N TYR B 294 -13.41 14.75 -1.70
CA TYR B 294 -12.96 15.86 -2.53
C TYR B 294 -11.46 15.76 -2.79
N ASP B 295 -10.94 16.74 -3.51
CA ASP B 295 -9.51 16.85 -3.80
C ASP B 295 -8.80 17.83 -2.86
N ASP B 296 -9.52 18.47 -1.96
CA ASP B 296 -8.95 19.35 -0.94
C ASP B 296 -8.16 18.61 0.10
N PHE B 297 -7.93 17.31 -0.12
CA PHE B 297 -7.22 16.42 0.79
C PHE B 297 -8.06 16.04 2.00
N ASN B 298 -9.38 16.14 1.91
CA ASN B 298 -10.25 15.75 3.01
C ASN B 298 -11.61 15.35 2.45
N CYS B 299 -12.37 14.64 3.27
CA CYS B 299 -13.72 14.23 2.93
C CYS B 299 -14.72 15.24 3.47
N ASN B 300 -16.00 14.97 3.27
CA ASN B 300 -17.04 15.84 3.78
C ASN B 300 -18.31 15.03 4.02
N VAL B 301 -19.10 15.52 4.97
CA VAL B 301 -20.36 14.89 5.37
C VAL B 301 -21.47 15.91 5.20
N TRP B 302 -22.48 15.56 4.42
CA TRP B 302 -23.58 16.44 4.08
C TRP B 302 -24.89 15.88 4.62
N ASP B 303 -25.71 16.76 5.16
CA ASP B 303 -27.08 16.42 5.55
C ASP B 303 -27.90 16.29 4.27
N ALA B 304 -28.31 15.07 3.95
CA ALA B 304 -28.90 14.79 2.64
C ALA B 304 -30.23 15.49 2.40
N LEU B 305 -30.88 16.03 3.44
CA LEU B 305 -32.17 16.65 3.26
C LEU B 305 -32.14 18.17 3.43
N LYS B 306 -31.07 18.73 3.99
CA LYS B 306 -30.99 20.16 4.21
C LYS B 306 -29.86 20.84 3.43
N ALA B 307 -28.87 20.09 2.96
CA ALA B 307 -27.85 20.58 2.04
C ALA B 307 -27.01 21.70 2.65
N ASP B 308 -26.72 21.61 3.95
CA ASP B 308 -25.81 22.57 4.56
C ASP B 308 -25.18 21.95 5.81
N ARG B 309 -23.96 21.42 5.65
CA ARG B 309 -23.11 21.08 6.79
C ARG B 309 -21.78 20.57 6.24
N ALA B 310 -20.71 20.78 7.00
CA ALA B 310 -19.34 20.59 6.49
C ALA B 310 -18.43 19.89 7.51
N GLY B 311 -18.87 18.74 8.04
CA GLY B 311 -18.12 18.04 9.07
C GLY B 311 -16.91 17.28 8.60
N VAL B 312 -15.83 18.01 8.31
CA VAL B 312 -14.65 17.44 7.67
C VAL B 312 -14.11 16.28 8.49
N LEU B 313 -13.90 15.15 7.81
CA LEU B 313 -13.17 14.01 8.38
C LEU B 313 -11.73 14.02 7.89
N ALA B 314 -11.00 15.08 8.24
CA ALA B 314 -9.63 15.23 7.78
C ALA B 314 -8.74 14.14 8.35
N GLY B 315 -7.54 14.03 7.78
CA GLY B 315 -6.62 13.01 8.23
C GLY B 315 -5.76 12.39 7.15
N HIS B 316 -5.94 12.81 5.91
CA HIS B 316 -5.16 12.27 4.81
C HIS B 316 -4.18 13.33 4.29
N ASP B 317 -3.06 12.86 3.76
CA ASP B 317 -2.01 13.72 3.25
C ASP B 317 -2.04 13.86 1.74
N ASN B 318 -3.08 13.38 1.09
CA ASN B 318 -3.23 13.48 -0.36
C ASN B 318 -4.72 13.37 -0.69
N ARG B 319 -5.02 13.16 -1.97
CA ARG B 319 -6.42 13.15 -2.42
C ARG B 319 -7.12 11.86 -2.01
N VAL B 320 -8.31 12.00 -1.45
CA VAL B 320 -9.15 10.86 -1.10
C VAL B 320 -9.83 10.37 -2.37
N SER B 321 -9.60 9.10 -2.72
CA SER B 321 -10.04 8.59 -4.01
C SER B 321 -11.08 7.49 -3.92
N CYS B 322 -11.41 6.98 -2.73
CA CYS B 322 -12.48 5.99 -2.62
C CYS B 322 -12.99 5.93 -1.20
N LEU B 323 -14.27 5.61 -1.05
CA LEU B 323 -14.82 5.36 0.27
C LEU B 323 -16.01 4.41 0.17
N GLY B 324 -16.33 3.79 1.31
CA GLY B 324 -17.41 2.83 1.36
C GLY B 324 -17.98 2.70 2.75
N VAL B 325 -19.15 2.05 2.81
CA VAL B 325 -19.94 1.90 4.02
C VAL B 325 -20.37 0.44 4.15
N THR B 326 -20.38 -0.07 5.37
CA THR B 326 -20.77 -1.45 5.64
C THR B 326 -22.26 -1.66 5.41
N ASP B 327 -22.64 -2.92 5.27
CA ASP B 327 -24.05 -3.26 5.04
C ASP B 327 -24.88 -3.02 6.29
N ASP B 328 -24.34 -3.33 7.47
CA ASP B 328 -25.02 -3.01 8.72
C ASP B 328 -24.83 -1.57 9.14
N GLY B 329 -24.03 -0.80 8.39
CA GLY B 329 -23.88 0.62 8.65
C GLY B 329 -23.18 0.97 9.95
N MET B 330 -22.09 0.30 10.27
CA MET B 330 -21.38 0.55 11.53
C MET B 330 -19.92 0.90 11.31
N ALA B 331 -19.55 1.34 10.11
CA ALA B 331 -18.18 1.75 9.83
C ALA B 331 -18.16 2.48 8.51
N VAL B 332 -17.12 3.30 8.33
CA VAL B 332 -16.85 3.99 7.07
C VAL B 332 -15.38 3.82 6.75
N ALA B 333 -15.09 3.28 5.57
CA ALA B 333 -13.71 3.06 5.16
C ALA B 333 -13.33 4.03 4.07
N THR B 334 -12.16 4.67 4.23
CA THR B 334 -11.67 5.64 3.26
C THR B 334 -10.28 5.28 2.79
N GLY B 335 -10.04 5.46 1.50
CA GLY B 335 -8.74 5.24 0.92
C GLY B 335 -8.36 6.37 -0.01
N SER B 336 -7.09 6.76 0.09
CA SER B 336 -6.58 7.95 -0.58
C SER B 336 -5.26 7.62 -1.23
N TRP B 337 -4.65 8.64 -1.83
CA TRP B 337 -3.40 8.47 -2.56
C TRP B 337 -2.20 8.35 -1.63
N ASP B 338 -2.38 8.48 -0.31
CA ASP B 338 -1.28 8.45 0.62
C ASP B 338 -0.82 7.04 0.96
N SER B 339 -1.45 6.02 0.37
CA SER B 339 -1.15 4.60 0.52
C SER B 339 -1.66 3.98 1.81
N PHE B 340 -2.50 4.68 2.57
CA PHE B 340 -3.09 4.14 3.78
C PHE B 340 -4.60 4.02 3.62
N LEU B 341 -5.22 3.23 4.49
CA LEU B 341 -6.64 2.95 4.47
C LEU B 341 -7.16 3.07 5.89
N LYS B 342 -8.25 3.80 6.09
CA LYS B 342 -8.68 4.16 7.44
C LYS B 342 -10.13 3.78 7.68
N ILE B 343 -10.45 3.47 8.94
CA ILE B 343 -11.76 3.02 9.36
C ILE B 343 -12.30 3.96 10.43
N TRP B 344 -13.55 4.38 10.26
CA TRP B 344 -14.16 5.45 11.04
C TRP B 344 -15.48 4.97 11.62
N ASN B 345 -15.74 5.36 12.87
CA ASN B 345 -17.11 5.33 13.41
C ASN B 345 -17.22 6.10 14.72
N ALA C 10 -30.44 7.93 -41.26
CA ALA C 10 -30.47 6.85 -40.29
C ALA C 10 -30.35 7.38 -38.87
N GLN C 11 -29.39 8.29 -38.67
CA GLN C 11 -29.20 8.88 -37.34
C GLN C 11 -30.42 9.69 -36.93
N ALA C 12 -31.02 10.44 -37.86
CA ALA C 12 -32.20 11.22 -37.54
C ALA C 12 -33.37 10.32 -37.15
N ARG C 13 -33.56 9.22 -37.87
CA ARG C 13 -34.64 8.29 -37.54
C ARG C 13 -34.42 7.66 -36.17
N LYS C 14 -33.19 7.26 -35.87
CA LYS C 14 -32.89 6.69 -34.55
C LYS C 14 -33.14 7.71 -33.45
N LEU C 15 -32.73 8.96 -33.65
CA LEU C 15 -32.96 9.99 -32.65
C LEU C 15 -34.45 10.23 -32.46
N VAL C 16 -35.21 10.26 -33.56
CA VAL C 16 -36.65 10.47 -33.46
C VAL C 16 -37.30 9.33 -32.69
N GLU C 17 -36.92 8.09 -32.99
CA GLU C 17 -37.49 6.94 -32.28
C GLU C 17 -37.13 6.98 -30.80
N GLN C 18 -35.87 7.30 -30.47
CA GLN C 18 -35.46 7.35 -29.07
C GLN C 18 -36.21 8.45 -28.32
N LEU C 19 -36.35 9.63 -28.92
CA LEU C 19 -37.08 10.71 -28.25
C LEU C 19 -38.56 10.38 -28.12
N LYS C 20 -39.15 9.70 -29.10
CA LYS C 20 -40.53 9.28 -28.99
C LYS C 20 -40.71 8.27 -27.85
N MET C 21 -39.78 7.33 -27.73
CA MET C 21 -39.84 6.36 -26.63
C MET C 21 -39.68 7.05 -25.28
N GLU C 22 -38.79 8.03 -25.19
CA GLU C 22 -38.56 8.74 -23.93
C GLU C 22 -39.58 9.83 -23.65
N ALA C 23 -40.47 10.14 -24.60
CA ALA C 23 -41.41 11.22 -24.40
C ALA C 23 -42.68 10.78 -23.69
N ASN C 24 -43.16 9.56 -23.95
CA ASN C 24 -44.42 9.07 -23.38
C ASN C 24 -44.13 8.36 -22.07
N ILE C 25 -44.04 9.15 -21.00
CA ILE C 25 -43.79 8.64 -19.65
C ILE C 25 -44.74 9.34 -18.69
N ASP C 26 -45.44 8.55 -17.88
CA ASP C 26 -46.28 9.10 -16.82
C ASP C 26 -45.41 9.65 -15.69
N ARG C 27 -45.86 10.72 -15.07
CA ARG C 27 -45.06 11.43 -14.08
C ARG C 27 -45.89 11.76 -12.85
N ILE C 28 -45.20 12.12 -11.78
CA ILE C 28 -45.81 12.53 -10.52
C ILE C 28 -45.17 13.84 -10.06
N LYS C 29 -45.79 14.47 -9.08
CA LYS C 29 -45.33 15.77 -8.62
C LYS C 29 -44.10 15.63 -7.73
N VAL C 30 -43.38 16.74 -7.58
CA VAL C 30 -42.15 16.76 -6.80
C VAL C 30 -42.44 16.61 -5.31
N SER C 31 -43.54 17.23 -4.85
CA SER C 31 -43.90 17.13 -3.44
C SER C 31 -44.07 15.69 -2.99
N LYS C 32 -44.61 14.83 -3.86
CA LYS C 32 -44.76 13.43 -3.50
C LYS C 32 -43.41 12.77 -3.27
N ALA C 33 -42.43 13.04 -4.13
CA ALA C 33 -41.10 12.47 -3.96
C ALA C 33 -40.44 12.99 -2.69
N ALA C 34 -40.58 14.28 -2.41
CA ALA C 34 -40.04 14.84 -1.18
C ALA C 34 -40.65 14.20 0.05
N ALA C 35 -41.98 14.02 0.04
CA ALA C 35 -42.65 13.38 1.16
C ALA C 35 -42.17 11.94 1.34
N ASP C 36 -42.02 11.21 0.23
CA ASP C 36 -41.55 9.83 0.34
C ASP C 36 -40.15 9.77 0.92
N LEU C 37 -39.26 10.65 0.48
CA LEU C 37 -37.90 10.66 1.00
C LEU C 37 -37.88 10.96 2.49
N MET C 38 -38.60 12.00 2.92
CA MET C 38 -38.58 12.33 4.35
C MET C 38 -39.27 11.26 5.18
N ALA C 39 -40.28 10.60 4.63
CA ALA C 39 -40.91 9.48 5.34
C ALA C 39 -39.92 8.34 5.56
N TYR C 40 -39.19 7.95 4.51
CA TYR C 40 -38.20 6.90 4.68
C TYR C 40 -37.09 7.33 5.62
N CYS C 41 -36.76 8.62 5.64
CA CYS C 41 -35.73 9.12 6.55
C CYS C 41 -36.19 9.01 8.00
N GLU C 42 -37.45 9.34 8.27
CA GLU C 42 -37.96 9.24 9.64
C GLU C 42 -38.22 7.80 10.04
N ALA C 43 -38.45 6.90 9.08
CA ALA C 43 -38.84 5.54 9.42
C ALA C 43 -37.71 4.71 10.03
N HIS C 44 -36.46 5.10 9.84
CA HIS C 44 -35.32 4.33 10.34
C HIS C 44 -34.43 5.16 11.26
N ALA C 45 -35.03 6.00 12.10
CA ALA C 45 -34.26 6.88 12.95
C ALA C 45 -33.57 6.17 14.10
N LYS C 46 -33.86 4.90 14.35
CA LYS C 46 -33.33 4.19 15.50
C LYS C 46 -32.39 3.05 15.13
N GLU C 47 -32.05 2.89 13.85
CA GLU C 47 -31.20 1.80 13.40
C GLU C 47 -30.00 2.28 12.59
N ASP C 48 -29.58 3.53 12.78
CA ASP C 48 -28.44 4.07 12.05
C ASP C 48 -27.28 4.30 13.02
N PRO C 49 -26.26 3.44 13.01
CA PRO C 49 -25.16 3.59 13.98
C PRO C 49 -24.25 4.80 13.76
N LEU C 50 -24.53 5.68 12.81
CA LEU C 50 -23.73 6.89 12.64
C LEU C 50 -24.52 8.17 12.86
N LEU C 51 -25.79 8.07 13.23
CA LEU C 51 -26.56 9.20 13.74
C LEU C 51 -26.74 9.17 15.25
N THR C 52 -27.08 8.00 15.80
CA THR C 52 -27.21 7.79 17.24
C THR C 52 -26.17 6.75 17.64
N PRO C 53 -25.10 7.17 18.32
CA PRO C 53 -23.98 6.24 18.57
C PRO C 53 -24.41 5.04 19.41
N VAL C 54 -23.76 3.91 19.14
CA VAL C 54 -24.00 2.66 19.85
C VAL C 54 -23.21 2.68 21.16
N PRO C 55 -23.77 2.20 22.26
CA PRO C 55 -22.99 2.08 23.50
C PRO C 55 -21.78 1.18 23.31
N ALA C 56 -20.69 1.52 24.00
CA ALA C 56 -19.41 0.88 23.75
C ALA C 56 -19.38 -0.58 24.18
N SER C 57 -20.38 -1.04 24.92
CA SER C 57 -20.40 -2.42 25.39
C SER C 57 -20.54 -3.42 24.25
N GLU C 58 -21.22 -3.06 23.16
CA GLU C 58 -21.48 -3.97 22.06
C GLU C 58 -20.86 -3.54 20.75
N ASN C 59 -20.26 -2.35 20.68
CA ASN C 59 -19.71 -1.85 19.42
C ASN C 59 -18.45 -2.63 19.07
N PRO C 60 -18.40 -3.29 17.90
CA PRO C 60 -17.17 -4.00 17.53
C PRO C 60 -15.98 -3.08 17.35
N PHE C 61 -16.19 -1.85 16.92
CA PHE C 61 -15.09 -0.92 16.66
C PHE C 61 -14.93 0.07 17.81
N VAL D 1 -5.72 -33.39 -4.51
CA VAL D 1 -5.67 -33.64 -3.08
C VAL D 1 -5.46 -35.12 -2.78
N GLN D 2 -4.26 -35.44 -2.29
CA GLN D 2 -3.94 -36.82 -1.95
C GLN D 2 -2.71 -36.82 -1.04
N LEU D 3 -2.89 -37.27 0.20
CA LEU D 3 -1.79 -37.45 1.14
C LEU D 3 -1.61 -38.94 1.38
N VAL D 4 -0.39 -39.43 1.22
CA VAL D 4 -0.07 -40.84 1.46
C VAL D 4 1.12 -40.92 2.42
N GLU D 5 0.97 -41.72 3.47
CA GLU D 5 2.05 -41.93 4.43
C GLU D 5 2.73 -43.26 4.17
N SER D 6 3.95 -43.39 4.71
CA SER D 6 4.69 -44.65 4.64
C SER D 6 5.68 -44.70 5.79
N GLY D 7 6.06 -45.93 6.14
CA GLY D 7 7.11 -46.11 7.14
C GLY D 7 6.82 -47.15 8.21
N GLY D 8 5.58 -47.61 8.30
CA GLY D 8 5.21 -48.51 9.38
C GLY D 8 5.92 -49.85 9.29
N GLY D 9 5.86 -50.59 10.39
CA GLY D 9 6.51 -51.90 10.42
C GLY D 9 6.62 -52.42 11.84
N LEU D 10 7.46 -53.44 11.99
CA LEU D 10 7.69 -54.15 13.24
C LEU D 10 9.09 -53.81 13.76
N VAL D 11 9.19 -53.53 15.07
CA VAL D 11 10.46 -53.15 15.67
C VAL D 11 10.59 -53.79 17.05
N GLN D 12 11.81 -54.17 17.39
CA GLN D 12 12.14 -54.66 18.71
C GLN D 12 12.19 -53.50 19.69
N PRO D 13 12.13 -53.78 20.99
CA PRO D 13 12.22 -52.68 21.97
C PRO D 13 13.50 -51.90 21.80
N GLY D 14 13.40 -50.59 21.95
CA GLY D 14 14.52 -49.71 21.65
C GLY D 14 14.52 -49.32 20.18
N GLY D 15 15.70 -49.26 19.59
CA GLY D 15 15.82 -48.98 18.17
C GLY D 15 15.30 -47.61 17.79
N SER D 16 14.85 -47.49 16.55
CA SER D 16 14.36 -46.23 16.02
C SER D 16 13.48 -46.51 14.81
N ARG D 17 12.74 -45.48 14.40
CA ARG D 17 11.85 -45.59 13.25
C ARG D 17 11.50 -44.19 12.75
N LYS D 18 11.56 -44.01 11.44
CA LYS D 18 11.20 -42.76 10.79
C LYS D 18 10.03 -42.99 9.83
N LEU D 19 9.05 -42.11 9.89
CA LEU D 19 7.84 -42.19 9.08
C LEU D 19 7.72 -40.94 8.23
N SER D 20 7.29 -41.10 6.98
CA SER D 20 7.23 -40.00 6.03
C SER D 20 5.82 -39.87 5.46
N CYS D 21 5.50 -38.65 5.05
CA CYS D 21 4.22 -38.35 4.42
C CYS D 21 4.46 -37.53 3.16
N SER D 22 3.87 -37.97 2.05
CA SER D 22 4.03 -37.35 0.75
C SER D 22 2.68 -36.78 0.30
N ALA D 23 2.69 -35.51 -0.09
CA ALA D 23 1.48 -34.81 -0.52
C ALA D 23 1.50 -34.62 -2.03
N SER D 24 0.31 -34.55 -2.61
CA SER D 24 0.19 -34.34 -4.04
C SER D 24 -1.17 -33.74 -4.36
N GLY D 25 -1.16 -32.56 -4.95
CA GLY D 25 -2.38 -31.96 -5.45
C GLY D 25 -2.90 -30.77 -4.68
N PHE D 26 -2.05 -30.06 -3.96
CA PHE D 26 -2.47 -28.83 -3.28
C PHE D 26 -1.23 -28.04 -2.89
N ALA D 27 -1.45 -26.89 -2.25
CA ALA D 27 -0.38 -25.98 -1.87
C ALA D 27 0.12 -26.35 -0.48
N PHE D 28 1.25 -27.05 -0.43
CA PHE D 28 1.79 -27.57 0.82
C PHE D 28 2.38 -26.50 1.71
N SER D 29 2.53 -25.28 1.21
CA SER D 29 3.17 -24.19 1.96
C SER D 29 2.18 -23.22 2.57
N SER D 30 0.90 -23.58 2.64
CA SER D 30 -0.09 -22.78 3.33
C SER D 30 -0.91 -23.59 4.33
N PHE D 31 -0.50 -24.83 4.62
CA PHE D 31 -1.25 -25.71 5.49
C PHE D 31 -0.37 -26.19 6.64
N GLY D 32 -0.92 -26.17 7.85
CA GLY D 32 -0.27 -26.81 8.97
C GLY D 32 -0.66 -28.27 9.09
N MET D 33 0.25 -29.06 9.65
CA MET D 33 0.16 -30.52 9.62
C MET D 33 0.14 -31.09 11.04
N HIS D 34 -0.83 -31.98 11.29
CA HIS D 34 -0.96 -32.67 12.56
C HIS D 34 -0.73 -34.16 12.35
N TRP D 35 -0.14 -34.80 13.37
CA TRP D 35 -0.11 -36.25 13.48
C TRP D 35 -1.00 -36.67 14.64
N VAL D 36 -1.91 -37.62 14.36
CA VAL D 36 -2.88 -38.15 15.32
C VAL D 36 -2.72 -39.66 15.36
N ARG D 37 -3.03 -40.26 16.53
CA ARG D 37 -2.79 -41.67 16.77
C ARG D 37 -4.08 -42.39 17.11
N GLN D 38 -4.17 -43.66 16.73
CA GLN D 38 -5.29 -44.52 17.09
C GLN D 38 -4.78 -45.84 17.63
N ALA D 39 -5.33 -46.26 18.77
CA ALA D 39 -4.99 -47.51 19.43
C ALA D 39 -5.65 -48.68 18.70
N PRO D 40 -5.16 -49.91 18.93
CA PRO D 40 -5.76 -51.07 18.25
C PRO D 40 -7.26 -51.22 18.47
N GLU D 41 -7.76 -50.98 19.67
CA GLU D 41 -9.19 -51.11 19.93
C GLU D 41 -9.72 -50.01 20.83
N LYS D 42 -9.15 -48.81 20.76
CA LYS D 42 -9.57 -47.70 21.61
C LYS D 42 -9.78 -46.45 20.76
N GLY D 43 -10.02 -45.34 21.44
CA GLY D 43 -10.22 -44.07 20.78
C GLY D 43 -8.93 -43.46 20.28
N LEU D 44 -9.07 -42.36 19.55
CA LEU D 44 -7.93 -41.68 18.97
C LEU D 44 -7.14 -40.94 20.04
N GLU D 45 -5.98 -40.41 19.66
CA GLU D 45 -5.13 -39.69 20.61
C GLU D 45 -4.26 -38.69 19.85
N TRP D 46 -4.23 -37.45 20.34
CA TRP D 46 -3.44 -36.39 19.73
C TRP D 46 -1.95 -36.66 19.91
N VAL D 47 -1.14 -36.33 18.90
CA VAL D 47 0.30 -36.58 19.00
C VAL D 47 1.12 -35.32 18.78
N ALA D 48 1.04 -34.69 17.61
CA ALA D 48 1.97 -33.60 17.34
C ALA D 48 1.41 -32.64 16.30
N TYR D 49 2.03 -31.46 16.24
CA TYR D 49 1.60 -30.36 15.38
C TYR D 49 2.81 -29.58 14.89
N ILE D 50 2.81 -29.27 13.59
CA ILE D 50 3.81 -28.40 12.98
C ILE D 50 3.07 -27.39 12.11
N SER D 51 3.56 -26.16 12.08
CA SER D 51 2.82 -25.07 11.48
C SER D 51 3.56 -24.46 10.30
N SER D 52 2.84 -23.56 9.61
CA SER D 52 3.38 -22.83 8.47
C SER D 52 4.47 -21.87 8.95
N GLY D 53 5.58 -21.84 8.23
CA GLY D 53 6.70 -21.00 8.60
C GLY D 53 7.67 -21.62 9.57
N SER D 54 7.42 -22.85 10.02
CA SER D 54 8.31 -23.58 10.93
C SER D 54 8.57 -22.83 12.22
N GLY D 55 7.67 -21.93 12.60
CA GLY D 55 7.89 -21.15 13.81
C GLY D 55 7.51 -21.90 15.08
N THR D 56 6.34 -22.53 15.08
CA THR D 56 5.78 -23.14 16.27
C THR D 56 5.82 -24.66 16.14
N ILE D 57 6.30 -25.32 17.20
CA ILE D 57 6.32 -26.78 17.25
C ILE D 57 5.89 -27.19 18.66
N TYR D 58 4.81 -27.95 18.75
CA TYR D 58 4.37 -28.49 20.03
C TYR D 58 4.70 -29.98 20.10
N TYR D 59 4.33 -30.60 21.21
CA TYR D 59 4.59 -32.02 21.40
C TYR D 59 3.60 -32.56 22.43
N ALA D 60 3.61 -33.89 22.56
CA ALA D 60 2.74 -34.57 23.50
C ALA D 60 3.33 -34.51 24.90
N ASP D 61 2.46 -34.45 25.90
CA ASP D 61 2.91 -34.43 27.28
C ASP D 61 3.50 -35.78 27.71
N THR D 62 3.33 -36.83 26.91
CA THR D 62 3.82 -38.15 27.25
C THR D 62 5.23 -38.41 26.74
N VAL D 63 5.49 -38.14 25.46
CA VAL D 63 6.76 -38.53 24.85
C VAL D 63 7.52 -37.31 24.32
N LYS D 64 7.35 -36.16 24.97
CA LYS D 64 8.10 -34.97 24.59
C LYS D 64 9.59 -35.24 24.70
N GLY D 65 10.35 -34.71 23.75
CA GLY D 65 11.79 -34.90 23.72
C GLY D 65 12.23 -36.22 23.12
N ARG D 66 11.30 -37.14 22.85
CA ARG D 66 11.64 -38.40 22.22
C ARG D 66 11.23 -38.46 20.75
N PHE D 67 10.25 -37.65 20.36
CA PHE D 67 9.79 -37.58 18.98
C PHE D 67 10.37 -36.34 18.31
N THR D 68 10.59 -36.45 16.99
CA THR D 68 11.13 -35.34 16.20
C THR D 68 10.24 -35.12 14.99
N ILE D 69 9.77 -33.89 14.82
CA ILE D 69 8.91 -33.53 13.69
C ILE D 69 9.67 -32.57 12.80
N SER D 70 9.54 -32.75 11.49
CA SER D 70 10.19 -31.85 10.55
C SER D 70 9.40 -31.81 9.25
N ARG D 71 9.63 -30.76 8.47
CA ARG D 71 8.99 -30.61 7.18
C ARG D 71 10.01 -30.18 6.14
N ASP D 72 9.72 -30.50 4.88
CA ASP D 72 10.53 -30.08 3.74
C ASP D 72 9.57 -29.54 2.69
N ASP D 73 9.65 -28.22 2.45
CA ASP D 73 8.67 -27.56 1.59
C ASP D 73 8.93 -27.80 0.11
N PRO D 74 10.12 -27.54 -0.44
CA PRO D 74 10.29 -27.69 -1.90
C PRO D 74 10.00 -29.10 -2.40
N LYS D 75 10.31 -30.12 -1.62
CA LYS D 75 10.04 -31.50 -2.01
C LYS D 75 8.71 -32.02 -1.48
N ASN D 76 8.00 -31.25 -0.65
CA ASN D 76 6.69 -31.61 -0.12
C ASN D 76 6.74 -32.93 0.65
N THR D 77 7.51 -32.95 1.73
CA THR D 77 7.66 -34.18 2.50
C THR D 77 7.65 -33.89 3.99
N LEU D 78 6.89 -34.66 4.75
CA LEU D 78 6.74 -34.45 6.20
C LEU D 78 7.33 -35.64 6.94
N PHE D 79 8.18 -35.37 7.92
CA PHE D 79 8.96 -36.40 8.60
C PHE D 79 8.63 -36.46 10.08
N LEU D 80 8.58 -37.68 10.62
CA LEU D 80 8.61 -37.91 12.05
C LEU D 80 9.66 -38.98 12.35
N GLN D 81 10.40 -38.79 13.44
CA GLN D 81 11.48 -39.67 13.84
C GLN D 81 11.36 -40.01 15.32
N MET D 82 11.51 -41.29 15.65
CA MET D 82 11.39 -41.74 17.04
C MET D 82 12.50 -42.73 17.33
N THR D 83 12.91 -42.78 18.60
CA THR D 83 13.98 -43.66 19.05
C THR D 83 13.59 -44.29 20.37
N SER D 84 14.14 -45.48 20.63
CA SER D 84 13.97 -46.20 21.90
C SER D 84 12.49 -46.46 22.20
N LEU D 85 11.87 -47.24 21.33
CA LEU D 85 10.43 -47.46 21.41
C LEU D 85 10.09 -48.47 22.49
N ARG D 86 9.08 -48.14 23.30
CA ARG D 86 8.53 -49.05 24.29
C ARG D 86 7.29 -49.73 23.70
N SER D 87 6.54 -50.44 24.55
CA SER D 87 5.36 -51.17 24.09
C SER D 87 4.11 -50.32 24.05
N GLU D 88 4.17 -49.06 24.47
CA GLU D 88 3.01 -48.18 24.48
C GLU D 88 2.76 -47.54 23.11
N ASP D 89 3.63 -47.79 22.13
CA ASP D 89 3.52 -47.15 20.83
C ASP D 89 3.28 -48.17 19.72
N THR D 90 2.35 -49.09 19.96
CA THR D 90 1.89 -50.04 18.96
C THR D 90 0.51 -49.60 18.51
N ALA D 91 0.43 -48.94 17.35
CA ALA D 91 -0.81 -48.27 16.98
C ALA D 91 -0.72 -47.81 15.53
N MET D 92 -1.75 -47.08 15.10
CA MET D 92 -1.83 -46.52 13.75
C MET D 92 -1.74 -45.00 13.83
N TYR D 93 -1.21 -44.39 12.76
CA TYR D 93 -1.00 -42.95 12.70
C TYR D 93 -1.67 -42.34 11.47
N TYR D 94 -2.12 -41.10 11.63
CA TYR D 94 -2.89 -40.37 10.63
C TYR D 94 -2.33 -38.97 10.50
N CYS D 95 -2.25 -38.46 9.26
CA CYS D 95 -1.82 -37.09 8.99
C CYS D 95 -3.02 -36.25 8.61
N VAL D 96 -3.14 -35.08 9.22
CA VAL D 96 -4.30 -34.23 9.02
C VAL D 96 -3.85 -32.82 8.67
N ARG D 97 -4.59 -32.19 7.76
CA ARG D 97 -4.32 -30.82 7.34
C ARG D 97 -5.13 -29.84 8.18
N SER D 98 -4.67 -28.60 8.23
CA SER D 98 -5.47 -27.54 8.81
C SER D 98 -4.95 -26.20 8.31
N ILE D 99 -5.87 -25.27 8.03
CA ILE D 99 -5.50 -23.92 7.66
C ILE D 99 -6.38 -22.95 8.45
N TYR D 100 -5.77 -21.95 9.07
CA TYR D 100 -6.46 -21.05 9.99
C TYR D 100 -6.45 -19.64 9.43
N TYR D 101 -7.60 -19.19 8.94
CA TYR D 101 -7.89 -17.79 8.68
C TYR D 101 -9.39 -17.63 8.83
N TYR D 102 -9.87 -16.41 8.61
CA TYR D 102 -11.29 -16.17 8.87
C TYR D 102 -12.18 -16.95 7.92
N GLY D 103 -12.85 -17.99 8.44
CA GLY D 103 -13.84 -18.74 7.68
C GLY D 103 -13.43 -20.14 7.30
N SER D 104 -12.27 -20.62 7.72
CA SER D 104 -11.75 -21.88 7.22
C SER D 104 -12.39 -23.06 7.97
N SER D 105 -12.04 -24.27 7.53
CA SER D 105 -12.60 -25.51 8.05
C SER D 105 -11.46 -26.48 8.35
N PRO D 106 -10.87 -26.39 9.53
CA PRO D 106 -9.73 -27.26 9.86
C PRO D 106 -10.10 -28.74 9.85
N PHE D 107 -9.05 -29.57 9.85
CA PHE D 107 -9.17 -31.03 9.89
C PHE D 107 -10.06 -31.53 8.74
N ASP D 108 -9.70 -31.13 7.54
CA ASP D 108 -10.55 -31.37 6.37
C ASP D 108 -10.24 -32.70 5.69
N PHE D 109 -8.98 -33.00 5.44
CA PHE D 109 -8.60 -34.19 4.68
C PHE D 109 -7.65 -35.04 5.51
N TRP D 110 -7.97 -36.31 5.64
CA TRP D 110 -7.16 -37.26 6.37
C TRP D 110 -6.47 -38.22 5.41
N GLY D 111 -5.43 -38.88 5.91
CA GLY D 111 -4.71 -39.84 5.11
C GLY D 111 -5.29 -41.24 5.25
N GLN D 112 -4.44 -42.21 4.96
CA GLN D 112 -4.82 -43.62 5.09
C GLN D 112 -4.17 -44.30 6.28
N GLY D 113 -3.27 -43.62 6.99
CA GLY D 113 -2.70 -44.15 8.20
C GLY D 113 -1.59 -45.16 7.97
N THR D 114 -0.75 -45.38 8.99
CA THR D 114 0.29 -46.40 8.93
C THR D 114 0.32 -47.14 10.27
N THR D 115 0.85 -48.36 10.22
CA THR D 115 0.84 -49.26 11.37
C THR D 115 2.26 -49.42 11.93
N LEU D 116 2.36 -49.37 13.26
CA LEU D 116 3.63 -49.60 13.94
C LEU D 116 3.42 -50.61 15.06
N THR D 117 4.26 -51.63 15.10
CA THR D 117 4.18 -52.68 16.10
C THR D 117 5.52 -52.81 16.83
N VAL D 118 5.45 -52.85 18.15
CA VAL D 118 6.60 -53.06 19.02
C VAL D 118 6.31 -54.27 19.90
N SER D 119 7.25 -55.21 19.94
CA SER D 119 7.08 -56.43 20.71
C SER D 119 6.93 -56.14 22.20
N ASP D 137 -5.72 -30.25 31.28
CA ASP D 137 -6.27 -31.09 30.22
C ASP D 137 -7.76 -31.29 30.44
N ILE D 138 -8.57 -30.65 29.58
CA ILE D 138 -10.01 -30.75 29.70
C ILE D 138 -10.45 -32.17 29.35
N VAL D 139 -11.30 -32.75 30.18
CA VAL D 139 -11.60 -34.18 30.11
C VAL D 139 -12.81 -34.41 29.20
N MET D 140 -12.63 -35.26 28.19
CA MET D 140 -13.70 -35.68 27.29
C MET D 140 -14.02 -37.14 27.60
N THR D 141 -15.28 -37.42 27.92
CA THR D 141 -15.75 -38.78 28.13
C THR D 141 -17.02 -39.02 27.33
N GLN D 142 -17.05 -40.10 26.56
CA GLN D 142 -18.20 -40.45 25.75
C GLN D 142 -19.24 -41.16 26.61
N ALA D 143 -20.51 -40.81 26.40
CA ALA D 143 -21.57 -41.25 27.31
C ALA D 143 -21.83 -42.75 27.17
N THR D 144 -22.00 -43.24 25.94
CA THR D 144 -22.45 -44.61 25.74
C THR D 144 -21.44 -45.44 24.97
N SER D 145 -21.83 -46.68 24.62
CA SER D 145 -20.97 -47.57 23.85
C SER D 145 -21.67 -48.22 22.66
N SER D 146 -23.00 -48.32 22.65
CA SER D 146 -23.71 -48.90 21.53
C SER D 146 -25.16 -48.46 21.58
N VAL D 147 -25.72 -48.16 20.41
CA VAL D 147 -27.11 -47.75 20.27
C VAL D 147 -27.72 -48.47 19.06
N PRO D 148 -28.61 -49.45 19.27
CA PRO D 148 -29.25 -50.11 18.13
C PRO D 148 -30.35 -49.23 17.55
N VAL D 149 -30.42 -49.16 16.22
CA VAL D 149 -31.34 -48.27 15.53
C VAL D 149 -31.96 -49.01 14.34
N THR D 150 -32.96 -48.37 13.74
CA THR D 150 -33.71 -48.86 12.59
C THR D 150 -33.80 -47.76 11.55
N PRO D 151 -33.58 -48.07 10.27
CA PRO D 151 -33.60 -47.03 9.23
C PRO D 151 -34.92 -46.28 9.22
N GLY D 152 -34.83 -44.97 8.99
CA GLY D 152 -35.97 -44.09 9.09
C GLY D 152 -36.21 -43.50 10.45
N GLU D 153 -35.32 -43.72 11.41
CA GLU D 153 -35.45 -43.20 12.77
C GLU D 153 -34.44 -42.09 13.01
N SER D 154 -34.75 -41.24 13.98
CA SER D 154 -33.90 -40.11 14.33
C SER D 154 -32.99 -40.50 15.49
N VAL D 155 -31.72 -40.08 15.42
CA VAL D 155 -30.70 -40.49 16.38
C VAL D 155 -30.04 -39.24 16.96
N SER D 156 -29.78 -39.27 18.26
CA SER D 156 -29.02 -38.23 18.93
C SER D 156 -27.87 -38.88 19.70
N ILE D 157 -26.67 -38.33 19.56
CA ILE D 157 -25.49 -38.83 20.24
C ILE D 157 -24.82 -37.68 20.98
N SER D 158 -24.63 -37.84 22.29
CA SER D 158 -24.17 -36.76 23.15
C SER D 158 -22.89 -37.14 23.87
N CYS D 159 -22.01 -36.15 24.05
CA CYS D 159 -20.82 -36.31 24.86
C CYS D 159 -20.65 -35.10 25.78
N ARG D 160 -19.72 -35.22 26.72
CA ARG D 160 -19.63 -34.30 27.85
C ARG D 160 -18.19 -33.82 28.05
N SER D 161 -18.08 -32.70 28.76
CA SER D 161 -16.80 -32.03 29.00
C SER D 161 -16.62 -31.71 30.48
N SER D 162 -15.60 -30.90 30.79
CA SER D 162 -15.33 -30.51 32.17
C SER D 162 -15.19 -29.02 32.40
N LYS D 163 -15.26 -28.19 31.36
CA LYS D 163 -15.19 -26.75 31.49
C LYS D 163 -15.85 -26.11 30.28
N SER D 164 -16.12 -24.80 30.39
CA SER D 164 -16.84 -24.10 29.34
C SER D 164 -16.01 -24.03 28.07
N LEU D 165 -16.69 -24.10 26.93
CA LEU D 165 -16.03 -24.05 25.62
C LEU D 165 -16.38 -22.83 24.80
N LEU D 166 -17.37 -22.04 25.21
CA LEU D 166 -17.68 -20.79 24.53
C LEU D 166 -16.60 -19.78 24.88
N HIS D 167 -15.59 -19.66 24.01
CA HIS D 167 -14.56 -18.66 24.18
C HIS D 167 -15.19 -17.26 24.17
N SER D 168 -14.42 -16.28 24.67
CA SER D 168 -14.96 -14.94 24.84
C SER D 168 -15.35 -14.30 23.51
N ASN D 169 -14.56 -14.51 22.46
CA ASN D 169 -14.86 -13.85 21.20
C ASN D 169 -16.13 -14.36 20.52
N GLY D 170 -16.64 -15.52 20.92
CA GLY D 170 -17.93 -16.00 20.42
C GLY D 170 -17.89 -17.32 19.68
N ASN D 171 -16.76 -18.01 19.56
CA ASN D 171 -16.71 -19.27 18.84
C ASN D 171 -17.14 -20.42 19.76
N THR D 172 -16.87 -21.64 19.30
CA THR D 172 -17.06 -22.88 20.04
C THR D 172 -16.21 -23.94 19.35
N TYR D 173 -15.50 -24.74 20.13
CA TYR D 173 -14.39 -25.51 19.56
C TYR D 173 -14.54 -27.02 19.75
N LEU D 174 -15.70 -27.58 19.44
CA LEU D 174 -15.89 -29.02 19.47
C LEU D 174 -16.00 -29.54 18.04
N TYR D 175 -15.47 -30.74 17.82
CA TYR D 175 -15.40 -31.37 16.52
C TYR D 175 -16.13 -32.71 16.56
N TRP D 176 -16.93 -32.98 15.53
CA TRP D 176 -17.66 -34.25 15.41
C TRP D 176 -17.18 -34.96 14.16
N PHE D 177 -16.54 -36.13 14.35
CA PHE D 177 -15.99 -36.91 13.26
C PHE D 177 -16.65 -38.29 13.20
N LEU D 178 -16.59 -38.91 12.03
CA LEU D 178 -17.17 -40.23 11.76
C LEU D 178 -16.07 -41.19 11.33
N GLN D 179 -16.37 -42.48 11.46
CA GLN D 179 -15.49 -43.53 10.95
C GLN D 179 -16.31 -44.75 10.61
N ARG D 180 -16.36 -45.11 9.33
CA ARG D 180 -16.99 -46.33 8.85
C ARG D 180 -15.99 -47.49 8.96
N PRO D 181 -16.48 -48.73 8.87
CA PRO D 181 -15.57 -49.89 8.98
C PRO D 181 -14.51 -49.88 7.89
N GLY D 182 -13.28 -50.20 8.27
CA GLY D 182 -12.19 -50.34 7.33
C GLY D 182 -11.82 -49.10 6.55
N GLN D 183 -11.95 -47.92 7.13
CA GLN D 183 -11.69 -46.67 6.43
C GLN D 183 -10.98 -45.69 7.36
N SER D 184 -10.89 -44.44 6.93
CA SER D 184 -10.31 -43.33 7.65
C SER D 184 -11.36 -42.25 7.91
N PRO D 185 -11.20 -41.46 8.97
CA PRO D 185 -12.24 -40.49 9.33
C PRO D 185 -12.40 -39.35 8.36
N GLN D 186 -13.57 -38.71 8.39
CA GLN D 186 -13.87 -37.56 7.57
C GLN D 186 -14.73 -36.60 8.38
N LEU D 187 -14.48 -35.31 8.25
CA LEU D 187 -15.08 -34.35 9.16
C LEU D 187 -16.56 -34.18 8.88
N LEU D 188 -17.38 -34.45 9.90
CA LEU D 188 -18.81 -34.21 9.82
C LEU D 188 -19.17 -32.78 10.24
N ILE D 189 -18.72 -32.37 11.43
CA ILE D 189 -19.05 -31.04 11.93
C ILE D 189 -17.81 -30.41 12.53
N TYR D 190 -17.47 -29.20 12.09
CA TYR D 190 -16.36 -28.44 12.63
C TYR D 190 -16.87 -27.24 13.41
N ARG D 191 -16.23 -26.98 14.55
CA ARG D 191 -16.59 -25.89 15.45
C ARG D 191 -18.03 -26.02 15.93
N MET D 192 -18.49 -27.27 16.00
CA MET D 192 -19.57 -27.73 16.87
C MET D 192 -20.92 -27.32 16.26
N SER D 193 -20.93 -26.56 15.16
CA SER D 193 -22.21 -26.17 14.58
C SER D 193 -22.22 -26.06 13.06
N ASN D 194 -21.14 -26.43 12.37
CA ASN D 194 -21.02 -26.20 10.94
C ASN D 194 -21.00 -27.52 10.19
N LEU D 195 -21.15 -27.43 8.87
CA LEU D 195 -21.21 -28.59 8.00
C LEU D 195 -20.09 -28.52 6.97
N ALA D 196 -19.46 -29.66 6.70
CA ALA D 196 -18.26 -29.71 5.87
C ALA D 196 -18.64 -29.90 4.40
N SER D 197 -17.64 -30.22 3.58
CA SER D 197 -17.82 -30.39 2.15
C SER D 197 -17.95 -31.87 1.81
N GLY D 198 -18.87 -32.19 0.91
CA GLY D 198 -19.10 -33.56 0.50
C GLY D 198 -19.99 -34.36 1.43
N VAL D 199 -20.68 -33.70 2.35
CA VAL D 199 -21.45 -34.40 3.37
C VAL D 199 -22.94 -34.18 3.11
N PRO D 200 -23.78 -35.21 3.24
CA PRO D 200 -25.21 -35.04 3.02
C PRO D 200 -25.81 -34.00 3.95
N ASP D 201 -26.82 -33.29 3.45
CA ASP D 201 -27.47 -32.22 4.20
C ASP D 201 -28.62 -32.76 5.06
N ARG D 202 -28.30 -33.68 5.96
CA ARG D 202 -29.28 -34.22 6.90
C ARG D 202 -28.69 -34.36 8.31
N PHE D 203 -27.69 -33.58 8.64
CA PHE D 203 -27.00 -33.65 9.91
C PHE D 203 -27.18 -32.33 10.67
N SER D 204 -27.03 -32.39 11.99
CA SER D 204 -27.06 -31.18 12.79
C SER D 204 -26.29 -31.43 14.08
N GLY D 205 -25.95 -30.35 14.76
CA GLY D 205 -25.25 -30.46 16.03
C GLY D 205 -25.40 -29.22 16.89
N SER D 206 -25.70 -29.40 18.17
CA SER D 206 -25.87 -28.28 19.07
C SER D 206 -25.57 -28.75 20.49
N GLY D 207 -25.35 -27.78 21.37
CA GLY D 207 -25.05 -28.16 22.75
C GLY D 207 -25.24 -26.99 23.69
N SER D 208 -25.39 -27.34 24.96
CA SER D 208 -25.48 -26.37 26.05
C SER D 208 -24.19 -26.48 26.84
N GLY D 209 -23.59 -25.33 27.15
CA GLY D 209 -22.21 -25.27 27.62
C GLY D 209 -21.77 -26.40 28.51
N THR D 210 -20.68 -27.07 28.10
CA THR D 210 -20.03 -28.25 28.68
C THR D 210 -20.67 -29.58 28.30
N ALA D 211 -21.75 -29.61 27.53
CA ALA D 211 -22.37 -30.87 27.13
C ALA D 211 -23.05 -30.70 25.78
N PHE D 212 -22.74 -31.59 24.83
CA PHE D 212 -23.11 -31.37 23.44
C PHE D 212 -23.72 -32.63 22.84
N THR D 213 -24.50 -32.45 21.77
CA THR D 213 -25.22 -33.55 21.14
C THR D 213 -25.36 -33.29 19.64
N LEU D 214 -25.18 -34.36 18.86
CA LEU D 214 -25.33 -34.37 17.41
C LEU D 214 -26.59 -35.14 17.02
N THR D 215 -27.27 -34.64 15.97
CA THR D 215 -28.56 -35.18 15.54
C THR D 215 -28.48 -35.63 14.10
N ILE D 216 -28.91 -36.86 13.85
CA ILE D 216 -29.00 -37.44 12.51
C ILE D 216 -30.44 -37.81 12.24
N SER D 217 -30.94 -37.39 11.07
CA SER D 217 -32.29 -37.69 10.64
C SER D 217 -32.26 -38.52 9.36
N ARG D 218 -33.23 -39.42 9.22
CA ARG D 218 -33.39 -40.25 8.03
C ARG D 218 -32.14 -41.09 7.77
N LEU D 219 -31.90 -42.02 8.69
CA LEU D 219 -30.74 -42.90 8.62
C LEU D 219 -30.70 -43.66 7.31
N GLU D 220 -29.54 -44.22 7.01
CA GLU D 220 -29.35 -45.04 5.81
C GLU D 220 -28.10 -45.89 6.00
N ALA D 221 -27.89 -46.80 5.07
CA ALA D 221 -26.67 -47.59 5.09
C ALA D 221 -25.47 -46.68 4.77
N GLU D 222 -24.28 -47.21 5.01
CA GLU D 222 -23.04 -46.44 4.97
C GLU D 222 -23.07 -45.26 5.94
N ASP D 223 -23.87 -45.37 6.99
CA ASP D 223 -23.95 -44.40 8.06
C ASP D 223 -23.90 -45.12 9.41
N VAL D 224 -23.18 -46.24 9.47
CA VAL D 224 -23.06 -47.05 10.67
C VAL D 224 -21.57 -47.20 10.98
N GLY D 225 -21.22 -47.09 12.27
CA GLY D 225 -19.83 -47.09 12.63
C GLY D 225 -19.51 -46.43 13.95
N VAL D 226 -18.44 -45.63 14.01
CA VAL D 226 -17.98 -45.05 15.26
C VAL D 226 -17.91 -43.53 15.11
N TYR D 227 -18.47 -42.82 16.07
CA TYR D 227 -18.46 -41.36 16.09
C TYR D 227 -17.58 -40.86 17.23
N TYR D 228 -16.92 -39.72 17.00
CA TYR D 228 -15.95 -39.16 17.93
C TYR D 228 -16.16 -37.66 18.07
N CYS D 229 -15.82 -37.13 19.24
CA CYS D 229 -15.96 -35.71 19.56
C CYS D 229 -14.71 -35.17 20.24
N MET D 230 -14.18 -34.08 19.67
CA MET D 230 -12.92 -33.47 20.09
C MET D 230 -13.11 -32.03 20.55
N GLN D 231 -12.07 -31.50 21.17
CA GLN D 231 -11.97 -30.10 21.57
C GLN D 231 -10.69 -29.49 21.02
N HIS D 232 -10.71 -28.16 20.84
CA HIS D 232 -9.52 -27.44 20.38
C HIS D 232 -9.38 -26.08 21.05
N LEU D 233 -9.88 -25.95 22.28
CA LEU D 233 -9.85 -24.65 22.96
C LEU D 233 -8.43 -24.22 23.28
N GLU D 234 -7.58 -25.17 23.70
CA GLU D 234 -6.20 -24.89 24.03
C GLU D 234 -5.47 -26.21 24.15
N TYR D 235 -4.18 -26.18 23.89
CA TYR D 235 -3.41 -27.41 23.84
C TYR D 235 -3.19 -27.96 25.25
N PRO D 236 -3.15 -29.30 25.41
CA PRO D 236 -3.38 -30.30 24.37
C PRO D 236 -4.85 -30.60 24.14
N LEU D 237 -5.14 -31.44 23.15
CA LEU D 237 -6.52 -31.79 22.79
C LEU D 237 -6.83 -33.20 23.26
N THR D 238 -8.05 -33.40 23.74
CA THR D 238 -8.45 -34.63 24.39
C THR D 238 -9.57 -35.30 23.62
N PHE D 239 -9.56 -36.63 23.61
CA PHE D 239 -10.45 -37.48 22.84
C PHE D 239 -11.46 -38.17 23.74
N GLY D 240 -12.36 -38.93 23.11
CA GLY D 240 -13.33 -39.74 23.79
C GLY D 240 -13.20 -41.21 23.41
N ALA D 241 -14.03 -42.02 24.09
CA ALA D 241 -14.01 -43.46 23.80
C ALA D 241 -14.62 -43.76 22.44
N GLY D 242 -15.73 -43.10 22.11
CA GLY D 242 -16.38 -43.28 20.82
C GLY D 242 -17.73 -43.96 20.94
N THR D 243 -18.70 -43.51 20.15
CA THR D 243 -20.04 -44.08 20.16
C THR D 243 -20.23 -44.96 18.94
N LYS D 244 -20.61 -46.22 19.15
CA LYS D 244 -20.83 -47.17 18.07
C LYS D 244 -22.32 -47.19 17.73
N LEU D 245 -22.65 -46.79 16.51
CA LEU D 245 -24.02 -46.82 16.02
C LEU D 245 -24.16 -47.96 15.03
N GLU D 246 -25.07 -48.88 15.33
CA GLU D 246 -25.22 -50.14 14.62
C GLU D 246 -26.69 -50.39 14.33
N LEU D 247 -26.96 -51.15 13.28
CA LEU D 247 -28.32 -51.53 12.95
C LEU D 247 -28.71 -52.84 13.60
N THR E 14 26.96 36.78 40.08
CA THR E 14 27.85 36.40 39.00
C THR E 14 27.64 34.95 38.61
N ARG E 15 27.57 34.08 39.63
CA ARG E 15 27.41 32.66 39.36
C ARG E 15 26.05 32.35 38.74
N VAL E 16 25.04 33.16 39.05
CA VAL E 16 23.68 32.86 38.60
C VAL E 16 23.59 32.93 37.09
N THR E 17 24.17 33.98 36.49
CA THR E 17 24.10 34.13 35.03
C THR E 17 24.82 32.98 34.32
N LEU E 18 26.00 32.61 34.81
CA LEU E 18 26.74 31.53 34.20
C LEU E 18 25.99 30.20 34.29
N ALA E 19 25.39 29.93 35.46
CA ALA E 19 24.60 28.72 35.61
C ALA E 19 23.40 28.72 34.67
N PHE E 20 22.73 29.87 34.53
CA PHE E 20 21.59 29.95 33.64
C PHE E 20 22.00 29.68 32.19
N PHE E 21 23.13 30.24 31.77
CA PHE E 21 23.58 30.05 30.40
C PHE E 21 23.97 28.60 30.13
N MET E 22 24.68 27.97 31.07
CA MET E 22 25.02 26.57 30.89
C MET E 22 23.78 25.69 30.83
N SER E 23 22.79 25.97 31.70
CA SER E 23 21.56 25.19 31.67
C SER E 23 20.83 25.37 30.35
N LEU E 24 20.80 26.60 29.82
CA LEU E 24 20.18 26.86 28.53
C LEU E 24 20.85 26.04 27.43
N VAL E 25 22.18 26.01 27.42
CA VAL E 25 22.89 25.26 26.39
C VAL E 25 22.58 23.77 26.49
N ALA E 26 22.56 23.24 27.71
CA ALA E 26 22.27 21.82 27.89
C ALA E 26 20.88 21.47 27.37
N PHE E 27 19.89 22.29 27.73
CA PHE E 27 18.52 22.04 27.27
C PHE E 27 18.42 22.17 25.76
N ALA E 28 19.13 23.13 25.17
CA ALA E 28 19.11 23.30 23.72
C ALA E 28 19.61 22.04 23.02
N ILE E 29 20.75 21.51 23.47
CA ILE E 29 21.28 20.29 22.86
C ILE E 29 20.28 19.14 23.00
N MET E 30 19.75 18.97 24.22
CA MET E 30 18.85 17.84 24.46
C MET E 30 17.62 17.90 23.57
N LEU E 31 17.00 19.07 23.48
CA LEU E 31 15.82 19.22 22.61
C LEU E 31 16.19 19.02 21.15
N GLY E 32 17.32 19.60 20.71
CA GLY E 32 17.68 19.53 19.31
C GLY E 32 17.90 18.12 18.82
N ASN E 33 18.39 17.25 19.69
CA ASN E 33 18.54 15.86 19.26
C ASN E 33 17.33 14.98 19.57
N ALA E 34 16.56 15.34 20.61
CA ALA E 34 15.34 14.59 20.89
C ALA E 34 14.33 14.71 19.75
N LEU E 35 14.27 15.88 19.12
CA LEU E 35 13.40 16.05 17.96
C LEU E 35 13.74 15.04 16.87
N VAL E 36 15.02 14.88 16.56
CA VAL E 36 15.43 13.96 15.49
C VAL E 36 15.13 12.52 15.88
N ILE E 37 15.39 12.17 17.15
CA ILE E 37 15.10 10.80 17.58
C ILE E 37 13.61 10.50 17.44
N LEU E 38 12.76 11.45 17.86
CA LEU E 38 11.32 11.28 17.72
C LEU E 38 10.91 11.17 16.26
N ALA E 39 11.54 11.99 15.39
CA ALA E 39 11.20 11.96 13.98
C ALA E 39 11.49 10.60 13.36
N PHE E 40 12.61 9.98 13.74
CA PHE E 40 12.88 8.64 13.24
C PHE E 40 11.92 7.63 13.83
N VAL E 41 11.61 7.75 15.12
CA VAL E 41 10.76 6.74 15.78
C VAL E 41 9.36 6.74 15.17
N VAL E 42 8.78 7.92 14.96
CA VAL E 42 7.38 7.99 14.51
C VAL E 42 7.26 7.45 13.08
N ASP E 43 8.12 7.90 12.19
CA ASP E 43 8.00 7.58 10.77
C ASP E 43 8.64 6.23 10.45
N LYS E 44 7.92 5.42 9.68
CA LYS E 44 8.40 4.10 9.29
C LYS E 44 8.77 4.00 7.83
N ASN E 45 8.68 5.10 7.08
CA ASN E 45 9.05 5.13 5.67
C ASN E 45 10.49 5.59 5.45
N LEU E 46 11.26 5.77 6.52
CA LEU E 46 12.63 6.26 6.44
C LEU E 46 13.66 5.15 6.64
N ARG E 47 13.37 3.96 6.12
CA ARG E 47 14.26 2.81 6.30
C ARG E 47 15.28 2.79 5.17
N HIS E 48 16.21 3.72 5.22
CA HIS E 48 17.29 3.84 4.26
C HIS E 48 18.59 4.10 5.00
N ARG E 49 19.68 4.24 4.24
CA ARG E 49 20.99 4.42 4.85
C ARG E 49 21.11 5.79 5.51
N SER E 50 20.61 6.83 4.84
CA SER E 50 20.77 8.19 5.34
C SER E 50 20.13 8.36 6.70
N SER E 51 18.92 7.82 6.89
CA SER E 51 18.25 7.95 8.18
C SER E 51 18.99 7.19 9.28
N TYR E 52 19.57 6.03 8.94
CA TYR E 52 20.37 5.30 9.92
C TYR E 52 21.55 6.13 10.40
N PHE E 53 22.29 6.71 9.45
CA PHE E 53 23.45 7.51 9.84
C PHE E 53 23.03 8.75 10.62
N PHE E 54 21.93 9.39 10.22
CA PHE E 54 21.45 10.55 10.97
C PHE E 54 21.08 10.17 12.39
N LEU E 55 20.44 9.01 12.57
CA LEU E 55 20.08 8.55 13.91
C LEU E 55 21.32 8.28 14.76
N ASN E 56 22.36 7.71 14.15
CA ASN E 56 23.62 7.52 14.88
C ASN E 56 24.18 8.85 15.35
N LEU E 57 24.20 9.85 14.46
CA LEU E 57 24.67 11.18 14.84
C LEU E 57 23.83 11.76 15.97
N ALA E 58 22.52 11.58 15.89
CA ALA E 58 21.63 12.12 16.91
C ALA E 58 21.85 11.48 18.27
N ILE E 59 22.06 10.16 18.30
CA ILE E 59 22.31 9.47 19.56
C ILE E 59 23.60 9.97 20.20
N SER E 60 24.67 10.07 19.39
CA SER E 60 25.94 10.55 19.93
C SER E 60 25.80 11.97 20.47
N ASP E 61 25.25 12.87 19.67
CA ASP E 61 25.12 14.26 20.09
C ASP E 61 24.17 14.43 21.27
N PHE E 62 23.18 13.56 21.42
CA PHE E 62 22.28 13.64 22.55
C PHE E 62 22.97 13.22 23.84
N PHE E 63 23.73 12.12 23.79
CA PHE E 63 24.48 11.74 24.98
C PHE E 63 25.58 12.74 25.30
N VAL E 64 26.04 13.53 24.32
CA VAL E 64 27.07 14.54 24.59
C VAL E 64 26.62 15.47 25.71
N GLY E 65 25.38 15.94 25.65
CA GLY E 65 24.90 16.94 26.58
C GLY E 65 24.22 16.45 27.83
N VAL E 66 24.22 15.15 28.09
CA VAL E 66 23.54 14.58 29.26
C VAL E 66 24.51 14.38 30.42
N ILE E 67 25.66 13.77 30.15
CA ILE E 67 26.62 13.45 31.21
C ILE E 67 27.65 14.56 31.38
N SER E 68 28.08 15.19 30.29
CA SER E 68 29.25 16.06 30.33
C SER E 68 28.95 17.39 31.04
N ILE E 69 28.07 18.20 30.48
CA ILE E 69 27.91 19.57 30.98
C ILE E 69 27.42 19.64 32.43
N PRO E 70 26.32 18.98 32.82
CA PRO E 70 25.81 19.21 34.19
C PRO E 70 26.78 18.81 35.27
N LEU E 71 27.30 17.58 35.23
CA LEU E 71 28.30 17.18 36.21
C LEU E 71 29.53 18.07 36.17
N TYR E 72 29.91 18.57 35.00
CA TYR E 72 31.05 19.48 34.91
C TYR E 72 30.78 20.77 35.65
N ILE E 73 29.51 21.19 35.75
CA ILE E 73 29.21 22.48 36.40
C ILE E 73 29.73 22.53 37.83
N PRO E 74 29.50 21.53 38.69
CA PRO E 74 30.14 21.57 40.02
C PRO E 74 31.65 21.45 39.98
N HIS E 75 32.24 20.72 39.02
CA HIS E 75 33.69 20.61 38.97
C HIS E 75 34.37 21.96 38.81
N THR E 76 33.67 22.97 38.31
CA THR E 76 34.29 24.25 38.01
C THR E 76 33.44 25.44 38.48
N LEU E 77 32.42 25.20 39.29
CA LEU E 77 31.63 26.30 39.81
C LEU E 77 31.61 26.37 41.33
N PHE E 78 31.34 25.26 42.02
CA PHE E 78 31.22 25.28 43.48
C PHE E 78 32.26 24.42 44.19
N GLU E 79 32.28 23.10 43.95
CA GLU E 79 33.09 22.21 44.79
C GLU E 79 33.25 20.81 44.20
N TRP E 80 34.50 20.34 44.16
CA TRP E 80 34.83 19.02 43.63
C TRP E 80 34.70 17.95 44.70
N ASP E 81 33.47 17.54 44.95
CA ASP E 81 33.20 16.35 45.76
C ASP E 81 32.99 15.13 44.89
N PHE E 82 33.94 14.84 44.00
CA PHE E 82 33.75 13.78 43.01
C PHE E 82 34.81 12.70 43.04
N GLY E 83 36.08 13.05 43.18
CA GLY E 83 37.11 12.04 43.32
C GLY E 83 37.50 11.41 41.99
N LYS E 84 38.44 10.47 42.08
CA LYS E 84 38.97 9.85 40.88
C LYS E 84 37.92 9.02 40.15
N GLU E 85 37.09 8.30 40.91
CA GLU E 85 36.13 7.36 40.32
C GLU E 85 35.11 8.05 39.44
N ILE E 86 34.90 9.36 39.62
CA ILE E 86 33.97 10.10 38.78
C ILE E 86 34.73 10.78 37.66
N CYS E 87 35.96 11.22 37.96
CA CYS E 87 36.76 11.94 36.96
C CYS E 87 37.08 11.06 35.75
N VAL E 88 37.48 9.82 36.00
CA VAL E 88 37.85 8.95 34.87
C VAL E 88 36.63 8.67 34.00
N PHE E 89 35.49 8.39 34.63
CA PHE E 89 34.24 8.18 33.90
C PHE E 89 33.88 9.39 33.04
N TRP E 90 33.95 10.58 33.64
CA TRP E 90 33.64 11.82 32.93
C TRP E 90 34.50 11.99 31.69
N LEU E 91 35.82 11.84 31.86
CA LEU E 91 36.74 12.00 30.73
C LEU E 91 36.45 11.00 29.63
N THR E 92 36.29 9.72 29.99
CA THR E 92 36.07 8.70 28.97
C THR E 92 34.80 8.98 28.17
N THR E 93 33.71 9.30 28.88
CA THR E 93 32.46 9.58 28.19
C THR E 93 32.60 10.75 27.23
N ASP E 94 33.21 11.85 27.68
CA ASP E 94 33.30 13.04 26.84
C ASP E 94 34.09 12.76 25.56
N TYR E 95 35.28 12.16 25.71
CA TYR E 95 36.10 11.90 24.53
C TYR E 95 35.40 10.98 23.54
N LEU E 96 34.80 9.89 24.06
CA LEU E 96 34.14 8.95 23.16
C LEU E 96 33.05 9.64 22.36
N LEU E 97 32.23 10.44 23.02
CA LEU E 97 31.11 11.06 22.32
C LEU E 97 31.58 12.03 21.24
N CYS E 98 32.58 12.86 21.54
CA CYS E 98 33.03 13.83 20.54
C CYS E 98 33.60 13.13 19.30
N THR E 99 34.45 12.13 19.52
CA THR E 99 35.04 11.45 18.37
C THR E 99 33.96 10.74 17.54
N ALA E 100 32.95 10.17 18.21
CA ALA E 100 31.87 9.52 17.47
C ALA E 100 31.14 10.51 16.57
N SER E 101 30.86 11.72 17.08
CA SER E 101 30.15 12.70 16.26
C SER E 101 30.95 13.04 15.00
N VAL E 102 32.26 13.27 15.15
CA VAL E 102 33.07 13.63 13.98
C VAL E 102 33.05 12.50 12.94
N TYR E 103 33.26 11.26 13.40
CA TYR E 103 33.30 10.17 12.43
C TYR E 103 31.96 9.97 11.73
N ASN E 104 30.85 10.25 12.41
CA ASN E 104 29.56 10.19 11.73
C ASN E 104 29.47 11.22 10.62
N ILE E 105 29.98 12.43 10.86
CA ILE E 105 30.00 13.45 9.79
C ILE E 105 30.74 12.91 8.56
N VAL E 106 31.90 12.30 8.79
CA VAL E 106 32.68 11.77 7.66
C VAL E 106 31.90 10.70 6.91
N LEU E 107 31.25 9.80 7.64
CA LEU E 107 30.51 8.72 6.97
C LEU E 107 29.39 9.25 6.11
N ILE E 108 28.65 10.26 6.61
CA ILE E 108 27.60 10.87 5.80
C ILE E 108 28.18 11.46 4.52
N SER E 109 29.34 12.13 4.64
CA SER E 109 29.97 12.69 3.44
C SER E 109 30.28 11.61 2.41
N TYR E 110 30.83 10.48 2.85
CA TYR E 110 31.17 9.42 1.90
C TYR E 110 29.92 8.85 1.22
N ASP E 111 28.85 8.65 1.99
CA ASP E 111 27.59 8.19 1.39
C ASP E 111 27.15 9.14 0.28
N ARG E 112 27.15 10.45 0.57
CA ARG E 112 26.70 11.40 -0.44
C ARG E 112 27.59 11.38 -1.67
N TYR E 113 28.90 11.19 -1.49
CA TYR E 113 29.78 11.15 -2.66
C TYR E 113 29.50 9.93 -3.53
N LEU E 114 29.29 8.76 -2.92
CA LEU E 114 28.91 7.60 -3.72
C LEU E 114 27.56 7.80 -4.39
N SER E 115 26.72 8.66 -3.84
CA SER E 115 25.44 8.93 -4.51
C SER E 115 25.60 9.60 -5.87
N VAL E 116 26.77 10.16 -6.19
CA VAL E 116 26.97 10.83 -7.48
C VAL E 116 28.13 10.25 -8.27
N SER E 117 29.12 9.60 -7.66
CA SER E 117 30.21 9.03 -8.44
C SER E 117 29.77 7.80 -9.23
N ASN E 118 28.67 7.15 -8.81
CA ASN E 118 28.15 6.00 -9.54
C ASN E 118 26.66 5.86 -9.18
N ALA E 119 25.78 6.26 -10.09
CA ALA E 119 24.35 6.24 -9.79
C ALA E 119 23.71 4.90 -10.13
N VAL E 120 24.16 4.25 -11.20
CA VAL E 120 23.56 2.99 -11.63
C VAL E 120 23.76 1.91 -10.58
N SER E 121 25.00 1.73 -10.12
CA SER E 121 25.27 0.71 -9.11
C SER E 121 24.76 1.10 -7.73
N TYR E 122 24.44 2.37 -7.52
CA TYR E 122 23.84 2.79 -6.26
C TYR E 122 22.34 2.56 -6.24
N ARG E 123 21.70 2.61 -7.41
CA ARG E 123 20.27 2.37 -7.48
C ARG E 123 19.91 0.89 -7.48
N THR E 124 20.84 0.01 -7.83
CA THR E 124 20.54 -1.40 -8.00
C THR E 124 21.34 -2.29 -7.05
N GLN E 125 21.40 -1.92 -5.78
CA GLN E 125 21.93 -2.78 -4.73
C GLN E 125 20.84 -3.09 -3.72
N HIS E 126 21.05 -4.15 -2.94
CA HIS E 126 20.05 -4.64 -2.02
C HIS E 126 20.50 -4.76 -0.57
N THR E 127 21.75 -4.40 -0.26
CA THR E 127 22.26 -4.55 1.10
C THR E 127 21.55 -3.58 2.02
N GLY E 128 20.61 -4.08 2.82
CA GLY E 128 19.89 -3.24 3.76
C GLY E 128 19.56 -3.94 5.07
N VAL E 129 20.34 -4.94 5.46
CA VAL E 129 19.98 -5.76 6.62
C VAL E 129 21.02 -5.63 7.73
N LEU E 130 22.26 -6.05 7.45
CA LEU E 130 23.26 -6.22 8.50
C LEU E 130 24.53 -5.40 8.32
N LYS E 131 24.95 -5.10 7.08
CA LYS E 131 26.14 -4.29 6.90
C LYS E 131 25.96 -2.90 7.49
N ILE E 132 24.72 -2.41 7.50
CA ILE E 132 24.44 -1.10 8.07
C ILE E 132 24.80 -1.07 9.55
N VAL E 133 24.30 -2.06 10.31
CA VAL E 133 24.60 -2.10 11.74
C VAL E 133 26.07 -2.41 11.97
N THR E 134 26.67 -3.20 11.08
CA THR E 134 28.11 -3.45 11.19
C THR E 134 28.90 -2.15 11.16
N LEU E 135 28.61 -1.28 10.19
CA LEU E 135 29.31 0.00 10.12
C LEU E 135 28.95 0.89 11.31
N MET E 136 27.67 0.92 11.69
CA MET E 136 27.24 1.76 12.80
C MET E 136 27.93 1.39 14.10
N VAL E 137 28.31 0.12 14.27
CA VAL E 137 28.99 -0.30 15.48
C VAL E 137 30.51 -0.15 15.35
N ALA E 138 31.05 -0.36 14.15
CA ALA E 138 32.47 -0.14 13.95
C ALA E 138 32.85 1.31 14.20
N VAL E 139 31.94 2.24 13.90
CA VAL E 139 32.20 3.65 14.17
C VAL E 139 32.50 3.86 15.65
N TRP E 140 31.62 3.35 16.53
CA TRP E 140 31.80 3.55 17.96
C TRP E 140 32.99 2.75 18.48
N VAL E 141 33.24 1.56 17.92
CA VAL E 141 34.40 0.78 18.35
C VAL E 141 35.68 1.57 18.11
N LEU E 142 35.86 2.10 16.89
CA LEU E 142 37.05 2.88 16.60
C LEU E 142 37.08 4.17 17.41
N ALA E 143 35.91 4.78 17.63
CA ALA E 143 35.87 6.00 18.43
C ALA E 143 36.39 5.76 19.83
N PHE E 144 36.01 4.63 20.45
CA PHE E 144 36.61 4.28 21.74
C PHE E 144 38.11 4.06 21.60
N LEU E 145 38.50 3.18 20.67
CA LEU E 145 39.89 2.79 20.57
C LEU E 145 40.82 3.97 20.34
N VAL E 146 40.31 5.09 19.81
CA VAL E 146 41.16 6.25 19.57
C VAL E 146 41.71 6.82 20.88
N ASN E 147 40.85 6.93 21.91
CA ASN E 147 41.21 7.69 23.11
C ASN E 147 41.12 6.92 24.43
N GLY E 148 40.45 5.78 24.48
CA GLY E 148 40.22 5.09 25.73
C GLY E 148 41.45 4.59 26.47
N PRO E 149 42.35 3.86 25.78
CA PRO E 149 43.53 3.33 26.45
C PRO E 149 44.39 4.37 27.15
N MET E 150 44.85 5.37 26.41
CA MET E 150 45.78 6.33 26.97
C MET E 150 45.15 7.11 28.12
N ILE E 151 43.86 7.40 28.03
CA ILE E 151 43.22 8.15 29.11
C ILE E 151 43.01 7.25 30.32
N LEU E 152 42.89 5.93 30.09
CA LEU E 152 42.83 4.95 31.17
C LEU E 152 44.20 4.59 31.72
N VAL E 153 45.27 5.09 31.13
CA VAL E 153 46.62 4.85 31.64
C VAL E 153 47.15 6.21 32.11
N SER E 154 46.26 7.03 32.65
CA SER E 154 46.61 8.35 33.19
C SER E 154 46.61 8.27 34.71
N GLU E 155 47.80 8.25 35.30
CA GLU E 155 47.95 8.20 36.75
C GLU E 155 49.07 9.11 37.22
N SER E 156 49.70 9.83 36.29
CA SER E 156 50.95 10.53 36.56
C SER E 156 50.73 12.00 36.92
N TRP E 157 49.60 12.32 37.57
CA TRP E 157 49.46 13.64 38.17
C TRP E 157 50.45 13.88 39.31
N LYS E 158 50.65 12.89 40.18
CA LYS E 158 51.64 12.92 41.26
C LYS E 158 51.31 13.96 42.31
N ASP E 159 50.19 14.67 42.15
CA ASP E 159 49.77 15.68 43.11
C ASP E 159 48.29 15.48 43.42
N GLU E 160 48.01 14.99 44.62
CA GLU E 160 46.63 14.74 45.03
C GLU E 160 45.87 16.06 45.11
N GLY E 161 44.91 16.25 44.21
CA GLY E 161 44.11 17.45 44.19
C GLY E 161 44.42 18.37 43.02
N SER E 162 43.58 18.30 41.99
CA SER E 162 43.73 19.14 40.81
C SER E 162 42.41 19.10 40.03
N GLU E 163 42.41 19.67 38.84
CA GLU E 163 41.23 19.60 37.97
C GLU E 163 41.14 18.22 37.35
N CYS E 164 40.07 17.99 36.57
CA CYS E 164 39.86 16.71 35.91
C CYS E 164 40.26 16.84 34.45
N GLU E 165 41.55 16.70 34.17
CA GLU E 165 42.07 16.78 32.81
C GLU E 165 42.97 15.59 32.53
N PRO E 166 43.10 15.18 31.27
CA PRO E 166 43.90 14.00 30.94
C PRO E 166 45.33 14.07 31.47
N GLY E 167 45.97 12.91 31.48
CA GLY E 167 47.32 12.79 32.00
C GLY E 167 48.40 12.91 30.95
N PHE E 168 48.02 13.09 29.70
CA PHE E 168 49.02 13.18 28.63
C PHE E 168 49.27 14.62 28.18
N PHE E 169 48.84 15.61 28.96
CA PHE E 169 49.19 16.99 28.64
C PHE E 169 50.61 17.36 29.05
N SER E 170 51.44 16.38 29.39
CA SER E 170 52.82 16.63 29.75
C SER E 170 53.75 16.45 28.55
N GLU E 171 53.58 15.36 27.81
CA GLU E 171 54.39 15.10 26.63
C GLU E 171 53.65 15.53 25.37
N TRP E 172 54.38 16.19 24.47
CA TRP E 172 53.77 16.71 23.25
C TRP E 172 53.64 15.67 22.15
N TYR E 173 54.29 14.52 22.27
CA TYR E 173 54.23 13.50 21.23
C TYR E 173 53.04 12.56 21.41
N ILE E 174 52.21 12.79 22.42
CA ILE E 174 50.96 12.06 22.57
C ILE E 174 49.76 12.94 22.26
N LEU E 175 49.84 14.24 22.52
CA LEU E 175 48.81 15.16 22.09
C LEU E 175 48.76 15.31 20.58
N ALA E 176 49.94 15.32 19.94
CA ALA E 176 50.00 15.58 18.50
C ALA E 176 49.36 14.45 17.70
N ILE E 177 49.69 13.21 18.02
CA ILE E 177 49.14 12.08 17.28
C ILE E 177 47.62 12.03 17.45
N THR E 178 47.15 12.25 18.68
CA THR E 178 45.71 12.27 18.91
C THR E 178 45.03 13.36 18.11
N SER E 179 45.60 14.56 18.08
CA SER E 179 45.02 15.64 17.30
C SER E 179 45.17 15.45 15.81
N PHE E 180 46.07 14.55 15.38
CA PHE E 180 46.32 14.29 13.97
C PHE E 180 45.38 13.24 13.40
N LEU E 181 45.02 12.24 14.21
CA LEU E 181 44.17 11.14 13.76
C LEU E 181 42.71 11.35 14.13
N GLU E 182 42.36 12.54 14.62
CA GLU E 182 40.97 12.87 14.91
C GLU E 182 40.51 14.14 14.20
N PHE E 183 41.42 14.99 13.74
CA PHE E 183 41.05 16.26 13.13
C PHE E 183 41.47 16.44 11.68
N VAL E 184 42.74 16.19 11.34
CA VAL E 184 43.25 16.52 10.01
C VAL E 184 42.62 15.63 8.94
N ILE E 185 42.64 14.32 9.16
CA ILE E 185 42.13 13.39 8.15
C ILE E 185 40.65 13.63 7.84
N PRO E 186 39.77 13.81 8.82
CA PRO E 186 38.38 14.12 8.46
C PRO E 186 38.22 15.37 7.62
N VAL E 187 39.00 16.43 7.90
CA VAL E 187 38.89 17.65 7.11
C VAL E 187 39.33 17.40 5.67
N ILE E 188 40.48 16.72 5.51
CA ILE E 188 40.95 16.39 4.16
C ILE E 188 39.90 15.60 3.40
N LEU E 189 39.33 14.58 4.05
CA LEU E 189 38.40 13.70 3.35
C LEU E 189 37.11 14.42 2.99
N VAL E 190 36.57 15.24 3.90
CA VAL E 190 35.36 15.98 3.60
C VAL E 190 35.59 16.95 2.43
N ALA E 191 36.73 17.65 2.44
CA ALA E 191 37.03 18.57 1.36
C ALA E 191 37.13 17.84 0.03
N TYR E 192 37.83 16.70 0.00
CA TYR E 192 38.01 15.96 -1.23
C TYR E 192 36.66 15.48 -1.77
N PHE E 193 35.81 14.93 -0.90
CA PHE E 193 34.52 14.43 -1.35
C PHE E 193 33.64 15.56 -1.87
N ASN E 194 33.58 16.68 -1.16
CA ASN E 194 32.74 17.78 -1.62
C ASN E 194 33.23 18.34 -2.95
N MET E 195 34.56 18.42 -3.14
CA MET E 195 35.08 18.88 -4.42
C MET E 195 34.72 17.92 -5.55
N ASN E 196 34.82 16.60 -5.32
CA ASN E 196 34.39 15.67 -6.35
C ASN E 196 32.93 15.89 -6.70
N ILE E 197 32.08 16.03 -5.68
CA ILE E 197 30.65 16.22 -5.93
C ILE E 197 30.43 17.43 -6.82
N TYR E 198 31.03 18.57 -6.45
CA TYR E 198 30.82 19.80 -7.20
C TYR E 198 31.32 19.69 -8.64
N TRP E 199 32.55 19.21 -8.81
CA TRP E 199 33.12 19.16 -10.16
C TRP E 199 32.36 18.17 -11.05
N SER E 200 31.84 17.09 -10.48
CA SER E 200 31.04 16.17 -11.28
C SER E 200 29.70 16.78 -11.67
N LEU E 201 29.05 17.47 -10.74
CA LEU E 201 27.72 18.00 -11.05
C LEU E 201 27.76 19.29 -11.86
N TRP E 202 28.93 19.92 -11.99
CA TRP E 202 29.00 21.13 -12.79
C TRP E 202 28.87 20.84 -14.28
N LYS E 203 29.40 19.72 -14.76
CA LYS E 203 29.33 19.37 -16.17
C LYS E 203 27.99 18.74 -16.53
N VAL E 293 20.55 29.83 -15.49
CA VAL E 293 20.35 28.43 -15.16
C VAL E 293 21.58 27.87 -14.46
N GLU E 294 22.71 27.83 -15.19
CA GLU E 294 23.94 27.30 -14.63
C GLU E 294 24.48 28.20 -13.52
N LEU E 295 24.37 29.52 -13.70
CA LEU E 295 24.99 30.47 -12.77
C LEU E 295 24.39 30.34 -11.37
N LEU E 296 23.07 30.40 -11.27
CA LEU E 296 22.42 30.35 -9.96
C LEU E 296 22.70 29.04 -9.25
N ARG E 297 22.61 27.92 -9.97
CA ARG E 297 22.84 26.61 -9.36
C ARG E 297 24.28 26.47 -8.89
N ALA E 298 25.24 26.87 -9.73
CA ALA E 298 26.64 26.78 -9.34
C ALA E 298 26.92 27.63 -8.11
N ARG E 299 26.40 28.86 -8.09
CA ARG E 299 26.62 29.73 -6.94
C ARG E 299 26.02 29.14 -5.67
N ARG E 300 24.77 28.66 -5.76
CA ARG E 300 24.09 28.13 -4.57
C ARG E 300 24.84 26.94 -4.02
N LEU E 301 25.28 26.03 -4.89
CA LEU E 301 25.92 24.82 -4.41
C LEU E 301 27.32 25.07 -3.88
N ALA E 302 28.08 25.98 -4.52
CA ALA E 302 29.36 26.37 -3.95
C ALA E 302 29.19 26.97 -2.57
N LYS E 303 28.18 27.83 -2.39
CA LYS E 303 27.94 28.41 -1.07
C LYS E 303 27.62 27.33 -0.04
N SER E 304 26.76 26.38 -0.40
CA SER E 304 26.36 25.36 0.56
C SER E 304 27.56 24.52 1.01
N LEU E 305 28.37 24.07 0.07
CA LEU E 305 29.53 23.26 0.44
C LEU E 305 30.53 24.07 1.25
N ALA E 306 30.74 25.34 0.89
CA ALA E 306 31.68 26.16 1.65
C ALA E 306 31.24 26.30 3.10
N ILE E 307 29.94 26.53 3.34
CA ILE E 307 29.45 26.61 4.70
C ILE E 307 29.68 25.30 5.44
N LEU E 308 29.31 24.19 4.81
CA LEU E 308 29.35 22.90 5.50
C LEU E 308 30.78 22.47 5.82
N LEU E 309 31.77 23.02 5.13
CA LEU E 309 33.13 22.69 5.57
C LEU E 309 33.70 23.72 6.55
N GLY E 310 33.41 25.01 6.33
CA GLY E 310 33.97 26.05 7.19
C GLY E 310 33.49 25.93 8.62
N VAL E 311 32.23 25.57 8.82
CA VAL E 311 31.71 25.45 10.19
C VAL E 311 32.54 24.44 10.98
N PHE E 312 32.74 23.26 10.41
CA PHE E 312 33.49 22.21 11.08
C PHE E 312 34.94 22.63 11.34
N ALA E 313 35.60 23.19 10.33
CA ALA E 313 37.00 23.56 10.51
C ALA E 313 37.16 24.61 11.60
N VAL E 314 36.33 25.66 11.58
CA VAL E 314 36.45 26.72 12.55
C VAL E 314 36.10 26.22 13.95
N CYS E 315 35.07 25.38 14.07
CA CYS E 315 34.67 24.94 15.41
C CYS E 315 35.60 23.87 15.99
N TRP E 316 36.50 23.28 15.21
CA TRP E 316 37.40 22.31 15.82
C TRP E 316 38.88 22.67 15.77
N ALA E 317 39.29 23.74 15.11
CA ALA E 317 40.73 24.00 15.08
C ALA E 317 41.33 24.66 16.33
N PRO E 318 40.75 25.76 16.85
CA PRO E 318 41.49 26.59 17.80
C PRO E 318 41.90 25.88 19.09
N TYR E 319 41.06 25.00 19.63
CA TYR E 319 41.44 24.33 20.87
C TYR E 319 42.67 23.45 20.67
N SER E 320 42.70 22.69 19.58
CA SER E 320 43.86 21.85 19.32
C SER E 320 45.11 22.69 19.15
N LEU E 321 45.00 23.81 18.42
CA LEU E 321 46.17 24.67 18.25
C LEU E 321 46.68 25.20 19.58
N PHE E 322 45.77 25.73 20.41
CA PHE E 322 46.19 26.29 21.69
C PHE E 322 46.80 25.23 22.60
N THR E 323 46.21 24.03 22.62
CA THR E 323 46.75 22.97 23.47
C THR E 323 48.14 22.58 23.03
N ILE E 324 48.37 22.41 21.73
CA ILE E 324 49.68 21.96 21.31
C ILE E 324 50.72 23.05 21.57
N VAL E 325 50.38 24.31 21.31
CA VAL E 325 51.37 25.36 21.51
C VAL E 325 51.68 25.55 22.99
N LEU E 326 50.68 25.43 23.87
CA LEU E 326 50.91 25.60 25.30
C LEU E 326 51.47 24.35 25.96
N SER E 327 51.43 23.21 25.29
CA SER E 327 51.93 21.97 25.87
C SER E 327 53.17 21.45 25.19
N PHE E 328 53.76 22.19 24.26
CA PHE E 328 55.07 21.77 23.78
C PHE E 328 56.19 22.21 24.73
N TYR E 329 56.36 23.52 24.91
CA TYR E 329 57.48 24.05 25.69
C TYR E 329 57.05 24.77 26.96
N SER E 330 56.19 25.78 26.84
CA SER E 330 55.82 26.62 27.97
C SER E 330 54.63 25.96 28.66
N SER E 331 54.93 25.00 29.53
CA SER E 331 53.85 24.24 30.18
C SER E 331 53.17 25.08 31.23
N ALA E 332 52.36 26.05 30.81
CA ALA E 332 51.60 26.89 31.73
C ALA E 332 50.42 26.09 32.26
N THR E 333 50.58 25.52 33.46
CA THR E 333 49.54 24.70 34.07
C THR E 333 48.77 25.44 35.16
N GLY E 334 48.97 26.75 35.29
CA GLY E 334 48.29 27.52 36.30
C GLY E 334 47.22 28.42 35.73
N PRO E 335 47.52 29.71 35.62
CA PRO E 335 46.53 30.66 35.08
C PRO E 335 46.18 30.33 33.63
N LYS E 336 44.91 30.55 33.29
CA LYS E 336 44.40 30.34 31.93
C LYS E 336 43.54 31.54 31.57
N SER E 337 43.86 32.17 30.45
CA SER E 337 43.21 33.42 30.06
C SER E 337 41.83 33.12 29.46
N VAL E 338 41.23 34.14 28.85
CA VAL E 338 39.93 33.96 28.21
C VAL E 338 40.06 33.16 26.91
N TRP E 339 41.22 33.19 26.27
CA TRP E 339 41.40 32.47 25.01
C TRP E 339 41.24 30.96 25.23
N TYR E 340 41.88 30.42 26.26
CA TYR E 340 41.76 29.00 26.53
C TYR E 340 40.34 28.64 26.93
N ARG E 341 39.70 29.49 27.74
CA ARG E 341 38.35 29.24 28.23
C ARG E 341 37.28 29.44 27.16
N ILE E 342 37.62 30.04 26.02
CA ILE E 342 36.65 30.15 24.94
C ILE E 342 36.94 29.04 23.93
N ALA E 343 38.22 28.65 23.84
CA ALA E 343 38.59 27.54 22.98
C ALA E 343 38.04 26.22 23.50
N PHE E 344 37.96 26.07 24.82
CA PHE E 344 37.31 24.88 25.37
C PHE E 344 35.82 24.86 25.08
N TRP E 345 35.16 26.02 25.14
CA TRP E 345 33.72 26.04 24.95
C TRP E 345 33.31 25.93 23.49
N LEU E 346 34.17 26.34 22.55
CA LEU E 346 33.78 26.28 21.14
C LEU E 346 33.57 24.85 20.66
N GLN E 347 34.31 23.90 21.23
CA GLN E 347 34.23 22.51 20.78
C GLN E 347 32.82 21.96 20.91
N TRP E 348 32.18 22.15 22.05
CA TRP E 348 30.86 21.59 22.30
C TRP E 348 29.76 22.30 21.52
N PHE E 349 30.02 23.49 21.01
CA PHE E 349 29.01 24.24 20.29
C PHE E 349 28.72 23.67 18.91
N ASN E 350 29.55 22.73 18.45
CA ASN E 350 29.31 22.04 17.19
C ASN E 350 28.08 21.13 17.29
N SER E 351 27.85 20.56 18.47
CA SER E 351 26.71 19.66 18.65
C SER E 351 25.38 20.40 18.66
N PHE E 352 25.40 21.74 18.73
CA PHE E 352 24.17 22.49 18.52
C PHE E 352 23.90 22.71 17.03
N VAL E 353 24.97 23.00 16.27
CA VAL E 353 24.81 23.29 14.86
C VAL E 353 24.49 22.03 14.06
N ASN E 354 25.12 20.90 14.41
CA ASN E 354 25.00 19.70 13.60
C ASN E 354 23.57 19.25 13.33
N PRO E 355 22.64 19.24 14.29
CA PRO E 355 21.26 18.87 13.97
C PRO E 355 20.53 19.88 13.11
N LEU E 356 21.14 21.01 12.78
CA LEU E 356 20.50 22.01 11.94
C LEU E 356 20.96 21.95 10.49
N LEU E 357 22.18 21.47 10.23
CA LEU E 357 22.72 21.49 8.88
C LEU E 357 22.43 20.20 8.12
N TYR E 358 22.87 19.05 8.66
CA TYR E 358 22.76 17.80 7.93
C TYR E 358 21.34 17.24 7.89
N PRO E 359 20.67 16.98 9.04
CA PRO E 359 19.39 16.28 8.96
C PRO E 359 18.23 17.15 8.52
N LEU E 360 18.20 18.41 8.94
CA LEU E 360 17.02 19.23 8.71
C LEU E 360 16.90 19.70 7.27
N CYS E 361 18.03 19.87 6.57
CA CYS E 361 17.97 20.33 5.19
C CYS E 361 17.30 19.31 4.29
N HIS E 362 17.38 18.03 4.64
CA HIS E 362 16.76 16.98 3.85
C HIS E 362 15.26 17.21 3.74
N LYS E 363 14.71 16.94 2.55
CA LYS E 363 13.28 17.14 2.32
C LYS E 363 12.42 16.09 3.01
N ARG E 364 12.87 14.83 3.01
CA ARG E 364 12.11 13.76 3.66
C ARG E 364 11.93 14.05 5.14
N PHE E 365 12.99 14.51 5.81
CA PHE E 365 12.88 14.83 7.23
C PHE E 365 12.00 16.04 7.47
N GLN E 366 12.01 17.02 6.57
CA GLN E 366 11.08 18.13 6.71
C GLN E 366 9.64 17.66 6.60
N LYS E 367 9.36 16.75 5.67
CA LYS E 367 8.02 16.19 5.57
C LYS E 367 7.64 15.43 6.83
N ALA E 368 8.57 14.63 7.36
CA ALA E 368 8.30 13.89 8.59
C ALA E 368 8.02 14.82 9.76
N PHE E 369 8.81 15.89 9.89
CA PHE E 369 8.57 16.87 10.94
C PHE E 369 7.22 17.53 10.76
N LEU E 370 6.84 17.86 9.53
CA LEU E 370 5.53 18.45 9.29
C LEU E 370 4.41 17.46 9.62
N LYS E 371 4.68 16.17 9.53
CA LYS E 371 3.71 15.16 9.96
C LYS E 371 3.48 15.17 11.46
N ILE E 372 4.33 15.83 12.24
CA ILE E 372 4.18 15.91 13.69
C ILE E 372 4.07 17.37 14.12
N HSM F . 39.20 17.07 25.38
CA HSM F . 37.82 16.60 25.44
CB HSM F . 37.02 17.19 24.31
CG HSM F . 36.67 18.53 24.76
ND1 HSM F . 35.38 18.88 25.10
CD2 HSM F . 37.54 19.57 24.90
CE1 HSM F . 35.48 20.15 25.46
NE2 HSM F . 36.77 20.62 25.35
P PO4 G . 39.86 15.51 20.63
O1 PO4 G . 41.06 14.57 20.65
O2 PO4 G . 38.64 14.76 20.10
O3 PO4 G . 40.15 16.70 19.72
O4 PO4 G . 39.58 16.01 22.04
#